data_1GLJ
#
_entry.id   1GLJ
#
_cell.length_a   99.668
_cell.length_b   200.699
_cell.length_c   114.733
_cell.angle_alpha   90.00
_cell.angle_beta   90.00
_cell.angle_gamma   90.00
#
_symmetry.space_group_name_H-M   'C 2 2 21'
#
loop_
_entity.id
_entity.type
_entity.pdbx_description
1 polymer 'GLYCEROL KINASE'
2 non-polymer 'MAGNESIUM ION'
3 non-polymer "GAMMA-ARSONO-BETA, GAMMA-METHYLENEADENOSINE-5'-DIPHOSPHATE"
4 non-polymer GLYCEROL
#
_entity_poly.entity_id   1
_entity_poly.type   'polypeptide(L)'
_entity_poly.pdbx_seq_one_letter_code
;TEKKYIVALDQGTTSSRAVVMDHDANIISVSQREFEQIYPKPGWVEHDPMEIWATQSWTLVEVLAKADISSDQIAAIGIT
NQRETTIVWEKETGKPIYNAIVWQCRRTAEICEHLKRDGLEDYIRSNTGLVIDPYFSGTKVKWILDHVEGSRERARRGEL
LFGTVDTWLIWKMTQGRVHVTDYTNASRTMLFNIHTLDWDDKMLEVLDIPREMLPEVRRSSEVYGQTNIGGKGGTRIPIS
GIAGDQQAALFGQLCVKEGMAKNTYGTGCFMLMNTGEKAVKSENGLLTTIACGPTGEVNYALEGAVFMAGASIQWLRDEM
KLINDAYDSEYFATKVQNTNGVYVVPAFTGLGAPYWDPYARGAIFGLTRGVNANHIIRATLESIAYQTRDVLEAMQADSG
IRLHALRVDGGAVANNFLMQFQSDILGTRVERPEVREVTALGAAYLAGLAVGFWQNLDELQEKAVIEREFRPGIETTERN
YRYAGWKKAVKRAMAWEEHDE
;
_entity_poly.pdbx_strand_id   Y,O
#
loop_
_chem_comp.id
_chem_comp.type
_chem_comp.name
_chem_comp.formula
ATS non-polymer 'GAMMA-ARSONO-BETA, GAMMA-METHYLENEADENOSINE-5'-DIPHOSPHATE' 'C11 H18 As N5 O12 P2'
GOL non-polymer GLYCEROL 'C3 H8 O3'
MG non-polymer 'MAGNESIUM ION' 'Mg 2'
#
# COMPACT_ATOMS: atom_id res chain seq x y z
N GLU A 2 -3.39 -4.81 58.21
CA GLU A 2 -3.89 -6.07 57.64
C GLU A 2 -3.85 -6.15 56.05
N LYS A 3 -5.01 -5.98 55.36
CA LYS A 3 -5.13 -6.02 53.90
C LYS A 3 -5.25 -4.60 53.39
N LYS A 4 -4.19 -4.16 52.75
CA LYS A 4 -4.04 -2.80 52.29
C LYS A 4 -4.30 -2.58 50.82
N TYR A 5 -4.21 -3.67 50.05
CA TYR A 5 -4.40 -3.48 48.62
C TYR A 5 -5.42 -4.26 47.87
N ILE A 6 -5.44 -3.81 46.62
CA ILE A 6 -6.34 -4.30 45.62
C ILE A 6 -5.64 -4.49 44.28
N VAL A 7 -5.97 -5.67 43.73
CA VAL A 7 -5.38 -6.06 42.48
C VAL A 7 -6.27 -6.05 41.27
N ALA A 8 -5.82 -5.41 40.19
CA ALA A 8 -6.61 -5.38 38.97
C ALA A 8 -6.03 -6.44 38.01
N LEU A 9 -6.88 -7.20 37.37
CA LEU A 9 -6.41 -8.19 36.46
C LEU A 9 -6.91 -7.83 35.11
N ASP A 10 -5.99 -7.52 34.18
CA ASP A 10 -6.37 -7.09 32.86
C ASP A 10 -5.83 -7.99 31.75
N GLN A 11 -6.77 -8.75 31.17
CA GLN A 11 -6.51 -9.70 30.04
C GLN A 11 -6.81 -9.05 28.71
N GLY A 12 -5.80 -8.51 28.03
CA GLY A 12 -6.01 -7.77 26.82
C GLY A 12 -5.74 -8.49 25.53
N THR A 13 -6.06 -7.78 24.50
CA THR A 13 -5.92 -8.30 23.22
C THR A 13 -4.53 -8.81 22.89
N THR A 14 -3.50 -8.18 23.41
CA THR A 14 -2.16 -8.59 23.09
C THR A 14 -1.31 -8.87 24.30
N SER A 15 -1.85 -8.62 25.46
CA SER A 15 -1.04 -8.96 26.60
C SER A 15 -1.86 -9.10 27.85
N SER A 16 -1.32 -9.88 28.78
CA SER A 16 -1.97 -10.02 30.07
C SER A 16 -1.39 -8.97 31.03
N ARG A 17 -2.16 -8.43 31.91
CA ARG A 17 -1.58 -7.54 32.85
C ARG A 17 -2.12 -7.74 34.26
N ALA A 18 -1.27 -7.36 35.23
CA ALA A 18 -1.55 -7.38 36.66
C ALA A 18 -1.17 -6.02 37.24
N VAL A 19 -2.08 -5.44 38.05
CA VAL A 19 -1.84 -4.11 38.63
C VAL A 19 -2.23 -4.00 40.10
N VAL A 20 -1.32 -3.34 40.91
CA VAL A 20 -1.57 -3.16 42.36
C VAL A 20 -1.77 -1.73 42.82
N MET A 21 -2.72 -1.59 43.74
CA MET A 21 -3.05 -0.27 44.26
C MET A 21 -3.35 -0.21 45.72
N ASP A 22 -2.98 0.95 46.25
CA ASP A 22 -3.17 1.25 47.65
C ASP A 22 -4.53 1.83 47.86
N HIS A 23 -4.69 2.34 49.00
CA HIS A 23 -5.96 2.88 49.22
C HIS A 23 -6.19 4.25 48.62
N ASP A 24 -5.10 4.89 48.34
CA ASP A 24 -5.27 6.18 47.79
C ASP A 24 -5.30 5.99 46.32
N ALA A 25 -5.31 4.70 46.01
CA ALA A 25 -5.35 4.24 44.65
C ALA A 25 -4.13 4.71 43.87
N ASN A 26 -3.05 4.19 44.35
CA ASN A 26 -1.84 4.51 43.74
C ASN A 26 -1.39 3.27 43.08
N ILE A 27 -0.60 3.41 42.04
CA ILE A 27 -0.19 2.22 41.34
C ILE A 27 1.09 1.70 41.97
N ILE A 28 0.92 0.77 42.87
CA ILE A 28 2.05 0.19 43.53
C ILE A 28 2.91 -0.50 42.44
N SER A 29 2.34 -1.43 41.73
CA SER A 29 3.18 -2.12 40.77
C SER A 29 2.36 -2.76 39.67
N VAL A 30 3.10 -3.09 38.62
CA VAL A 30 2.58 -3.64 37.41
C VAL A 30 3.31 -4.84 36.82
N SER A 31 2.69 -5.96 36.58
CA SER A 31 3.37 -7.03 35.90
C SER A 31 2.77 -7.15 34.50
N GLN A 32 3.45 -7.84 33.58
CA GLN A 32 2.85 -7.90 32.26
C GLN A 32 3.45 -8.80 31.19
N ARG A 33 2.86 -9.94 30.87
CA ARG A 33 3.41 -10.76 29.78
C ARG A 33 2.49 -10.75 28.54
N GLU A 34 3.17 -10.67 27.38
CA GLU A 34 2.66 -10.63 26.02
C GLU A 34 2.35 -12.04 25.61
N PHE A 35 1.43 -12.21 24.64
CA PHE A 35 1.04 -13.52 24.09
C PHE A 35 0.81 -13.40 22.61
N GLU A 36 1.06 -14.53 21.97
CA GLU A 36 1.01 -14.67 20.52
C GLU A 36 -0.34 -14.52 19.93
N GLN A 37 -0.28 -13.82 18.79
CA GLN A 37 -1.40 -13.54 17.90
C GLN A 37 -1.44 -14.44 16.67
N ILE A 38 -2.48 -15.23 16.65
CA ILE A 38 -2.64 -16.12 15.59
C ILE A 38 -3.59 -15.74 14.50
N TYR A 39 -3.00 -15.64 13.32
CA TYR A 39 -3.68 -15.31 12.08
C TYR A 39 -3.68 -16.54 11.25
N PRO A 40 -4.52 -17.50 11.59
CA PRO A 40 -4.58 -18.79 10.91
C PRO A 40 -4.71 -18.63 9.39
N LYS A 41 -5.36 -17.56 9.05
CA LYS A 41 -5.58 -17.21 7.67
C LYS A 41 -6.03 -15.75 7.71
N PRO A 42 -5.65 -15.05 6.69
CA PRO A 42 -5.95 -13.65 6.49
C PRO A 42 -7.37 -13.18 6.82
N GLY A 43 -7.54 -12.45 7.89
CA GLY A 43 -8.87 -11.94 8.29
C GLY A 43 -9.41 -12.74 9.47
N TRP A 44 -8.53 -13.66 9.90
CA TRP A 44 -8.68 -14.55 11.01
C TRP A 44 -7.67 -14.32 12.12
N VAL A 45 -8.21 -14.34 13.35
CA VAL A 45 -7.45 -14.13 14.56
C VAL A 45 -7.85 -14.97 15.76
N GLU A 46 -6.87 -15.69 16.27
CA GLU A 46 -7.08 -16.48 17.41
C GLU A 46 -6.05 -16.31 18.47
N HIS A 47 -6.39 -16.81 19.62
CA HIS A 47 -5.54 -16.78 20.76
C HIS A 47 -5.48 -18.13 21.37
N ASP A 48 -4.43 -18.43 22.19
CA ASP A 48 -4.36 -19.67 22.96
C ASP A 48 -4.86 -19.46 24.34
N PRO A 49 -6.11 -19.85 24.53
CA PRO A 49 -6.79 -19.75 25.78
C PRO A 49 -5.85 -20.10 26.88
N MET A 50 -5.05 -21.11 26.60
CA MET A 50 -4.04 -21.50 27.56
C MET A 50 -3.00 -20.40 27.70
N GLU A 51 -2.30 -20.12 26.59
CA GLU A 51 -1.40 -19.00 26.70
C GLU A 51 -2.13 -17.81 27.30
N ILE A 52 -3.38 -17.61 26.98
CA ILE A 52 -3.96 -16.50 27.69
C ILE A 52 -3.72 -16.73 29.15
N TRP A 53 -4.47 -17.76 29.56
CA TRP A 53 -4.43 -18.25 30.91
C TRP A 53 -3.11 -18.04 31.53
N ALA A 54 -2.26 -18.89 31.05
CA ALA A 54 -0.91 -18.84 31.54
C ALA A 54 -0.45 -17.39 31.76
N THR A 55 -0.17 -16.65 30.66
CA THR A 55 0.33 -15.29 30.81
C THR A 55 -0.52 -14.45 31.67
N GLN A 56 -1.77 -14.85 31.87
CA GLN A 56 -2.55 -13.98 32.74
C GLN A 56 -2.26 -14.27 34.20
N SER A 57 -1.88 -15.57 34.41
CA SER A 57 -1.51 -16.20 35.69
C SER A 57 -0.26 -15.60 36.36
N TRP A 58 0.80 -15.52 35.58
CA TRP A 58 2.06 -14.94 36.00
C TRP A 58 2.03 -13.50 36.40
N THR A 59 1.49 -12.67 35.52
CA THR A 59 1.51 -11.27 35.87
C THR A 59 1.17 -11.14 37.34
N LEU A 60 0.06 -11.78 37.79
CA LEU A 60 -0.41 -11.80 39.20
C LEU A 60 0.76 -11.80 40.17
N VAL A 61 1.40 -12.96 40.14
CA VAL A 61 2.62 -13.36 40.82
C VAL A 61 3.57 -12.19 40.81
N GLU A 62 4.34 -12.11 39.78
CA GLU A 62 5.15 -10.97 39.62
C GLU A 62 4.58 -9.80 40.37
N VAL A 63 3.61 -9.08 39.81
CA VAL A 63 3.13 -7.98 40.61
C VAL A 63 3.25 -8.22 42.07
N LEU A 64 2.61 -9.26 42.60
CA LEU A 64 2.85 -9.55 43.99
C LEU A 64 4.36 -9.54 44.25
N ALA A 65 4.83 -10.72 44.28
CA ALA A 65 6.21 -11.01 44.51
C ALA A 65 7.24 -9.92 44.14
N LYS A 66 6.98 -9.04 43.20
CA LYS A 66 8.05 -8.10 42.94
C LYS A 66 7.89 -6.78 43.71
N ALA A 67 6.90 -6.74 44.60
CA ALA A 67 6.59 -5.59 45.47
C ALA A 67 6.47 -6.07 46.92
N ASP A 68 6.62 -7.36 47.01
CA ASP A 68 6.61 -8.10 48.22
C ASP A 68 5.35 -7.99 49.01
N ILE A 69 4.23 -7.92 48.31
CA ILE A 69 2.94 -7.90 48.97
C ILE A 69 2.57 -9.33 49.26
N SER A 70 1.76 -9.56 50.25
CA SER A 70 1.44 -10.94 50.46
C SER A 70 -0.06 -11.09 50.33
N SER A 71 -0.48 -12.27 49.87
CA SER A 71 -1.89 -12.61 49.69
C SER A 71 -2.79 -12.06 50.80
N ASP A 72 -2.16 -11.89 51.97
CA ASP A 72 -2.75 -11.38 53.20
C ASP A 72 -3.01 -9.85 53.23
N GLN A 73 -2.43 -9.09 52.29
CA GLN A 73 -2.63 -7.68 52.38
C GLN A 73 -3.48 -7.11 51.33
N ILE A 74 -4.01 -7.97 50.49
CA ILE A 74 -4.89 -7.37 49.53
C ILE A 74 -6.28 -7.86 49.76
N ALA A 75 -7.19 -6.94 49.58
CA ALA A 75 -8.59 -7.24 49.72
C ALA A 75 -9.05 -8.26 48.70
N ALA A 76 -9.52 -7.71 47.58
CA ALA A 76 -10.00 -8.43 46.44
C ALA A 76 -9.16 -8.34 45.19
N ILE A 77 -9.82 -8.77 44.14
CA ILE A 77 -9.39 -8.80 42.77
C ILE A 77 -10.44 -8.39 41.78
N GLY A 78 -10.02 -7.43 40.95
CA GLY A 78 -10.81 -6.87 39.87
C GLY A 78 -10.47 -7.59 38.55
N ILE A 79 -11.44 -7.61 37.62
CA ILE A 79 -11.20 -8.27 36.37
C ILE A 79 -11.70 -7.51 35.11
N THR A 80 -10.76 -7.20 34.15
CA THR A 80 -11.07 -6.59 32.84
C THR A 80 -10.44 -7.35 31.71
N ASN A 81 -11.18 -7.43 30.64
CA ASN A 81 -10.74 -8.24 29.57
C ASN A 81 -11.23 -7.71 28.27
N GLN A 82 -10.59 -8.30 27.22
CA GLN A 82 -10.84 -8.03 25.82
C GLN A 82 -12.24 -8.48 25.64
N ARG A 83 -13.05 -7.66 24.96
CA ARG A 83 -14.41 -7.98 24.98
C ARG A 83 -15.09 -8.97 24.04
N GLU A 84 -14.58 -9.48 22.97
CA GLU A 84 -15.71 -10.33 22.48
C GLU A 84 -15.45 -11.79 22.39
N THR A 85 -14.11 -11.97 22.41
CA THR A 85 -13.35 -13.19 22.24
C THR A 85 -14.08 -14.30 22.89
N THR A 86 -14.24 -15.38 22.13
CA THR A 86 -14.97 -16.55 22.54
C THR A 86 -14.13 -17.75 22.85
N ILE A 87 -14.53 -18.45 23.90
CA ILE A 87 -13.91 -19.69 24.35
C ILE A 87 -14.86 -20.74 24.71
N VAL A 88 -14.52 -21.94 24.30
CA VAL A 88 -15.41 -23.01 24.65
C VAL A 88 -14.56 -24.17 25.10
N TRP A 89 -14.91 -24.78 26.22
CA TRP A 89 -14.03 -25.81 26.70
C TRP A 89 -14.68 -26.89 27.45
N GLU A 90 -14.00 -28.06 27.39
CA GLU A 90 -14.36 -29.23 28.17
C GLU A 90 -14.31 -28.89 29.66
N LYS A 91 -15.32 -29.36 30.38
CA LYS A 91 -15.42 -29.10 31.80
C LYS A 91 -14.76 -30.16 32.63
N GLU A 92 -15.36 -31.33 32.72
CA GLU A 92 -14.64 -32.26 33.49
C GLU A 92 -13.15 -31.98 33.34
N THR A 93 -12.70 -32.14 32.11
CA THR A 93 -11.31 -31.96 31.69
C THR A 93 -10.67 -30.58 31.84
N GLY A 94 -11.46 -29.50 31.65
CA GLY A 94 -11.00 -28.10 31.76
C GLY A 94 -10.15 -27.60 30.60
N LYS A 95 -10.46 -28.09 29.40
CA LYS A 95 -9.68 -27.74 28.27
C LYS A 95 -10.50 -27.39 27.04
N PRO A 96 -9.95 -26.36 26.39
CA PRO A 96 -10.52 -25.80 25.23
C PRO A 96 -10.58 -26.81 24.19
N ILE A 97 -11.65 -26.72 23.48
CA ILE A 97 -11.91 -27.60 22.35
C ILE A 97 -11.83 -26.79 21.02
N TYR A 98 -11.07 -25.65 21.11
CA TYR A 98 -10.82 -24.68 20.07
C TYR A 98 -10.28 -23.38 20.60
N ASN A 99 -9.26 -22.91 19.94
CA ASN A 99 -8.66 -21.64 20.26
C ASN A 99 -9.61 -20.46 20.41
N ALA A 100 -9.18 -19.50 21.22
CA ALA A 100 -10.02 -18.39 21.36
C ALA A 100 -10.25 -17.74 20.02
N ILE A 101 -11.49 -17.42 19.72
CA ILE A 101 -11.69 -16.67 18.52
C ILE A 101 -11.80 -15.20 18.93
N VAL A 102 -10.85 -14.41 18.49
CA VAL A 102 -10.81 -13.01 18.88
C VAL A 102 -11.89 -12.10 18.24
N TRP A 103 -12.31 -11.06 18.99
CA TRP A 103 -13.33 -10.22 18.41
C TRP A 103 -13.06 -9.74 16.99
N GLN A 104 -11.78 -9.52 16.74
CA GLN A 104 -11.25 -9.06 15.47
C GLN A 104 -11.54 -9.96 14.30
N CYS A 105 -11.46 -11.22 14.66
CA CYS A 105 -11.69 -12.26 13.72
C CYS A 105 -12.89 -12.12 12.86
N ARG A 106 -12.65 -12.26 11.60
CA ARG A 106 -13.74 -12.21 10.62
C ARG A 106 -14.18 -13.58 10.07
N ARG A 107 -13.77 -14.70 10.66
CA ARG A 107 -14.25 -15.90 10.01
C ARG A 107 -15.75 -16.02 9.83
N THR A 108 -16.59 -15.62 10.79
CA THR A 108 -18.09 -15.73 10.73
C THR A 108 -18.85 -14.70 9.91
N ALA A 109 -18.39 -14.35 8.75
CA ALA A 109 -19.13 -13.40 7.97
C ALA A 109 -20.25 -14.14 7.27
N GLU A 110 -19.94 -15.26 6.51
CA GLU A 110 -20.99 -16.09 5.86
C GLU A 110 -22.26 -16.19 6.71
N ILE A 111 -22.07 -16.77 7.87
CA ILE A 111 -23.12 -16.83 8.82
C ILE A 111 -23.84 -15.52 8.93
N CYS A 112 -23.06 -14.53 9.23
CA CYS A 112 -23.64 -13.29 9.37
C CYS A 112 -24.52 -12.93 8.21
N GLU A 113 -24.07 -13.36 7.04
CA GLU A 113 -24.85 -12.98 5.88
C GLU A 113 -26.20 -13.61 5.93
N HIS A 114 -26.23 -14.87 6.37
CA HIS A 114 -27.51 -15.55 6.51
C HIS A 114 -28.40 -14.79 7.43
N LEU A 115 -27.93 -14.66 8.63
CA LEU A 115 -28.75 -13.93 9.52
C LEU A 115 -29.34 -12.70 8.83
N LYS A 116 -28.51 -11.94 8.13
CA LYS A 116 -29.05 -10.77 7.49
C LYS A 116 -30.25 -11.10 6.69
N ARG A 117 -30.14 -12.09 5.79
CA ARG A 117 -31.30 -12.47 4.96
C ARG A 117 -32.49 -13.21 5.59
N ASP A 118 -32.59 -13.31 6.92
CA ASP A 118 -33.70 -13.92 7.60
C ASP A 118 -34.43 -12.82 8.34
N GLY A 119 -34.09 -11.60 7.92
CA GLY A 119 -34.63 -10.37 8.44
C GLY A 119 -34.54 -10.15 9.94
N LEU A 120 -33.40 -10.53 10.55
CA LEU A 120 -33.27 -10.34 11.98
C LEU A 120 -32.54 -9.14 12.43
N GLU A 121 -32.22 -8.29 11.54
CA GLU A 121 -31.52 -7.16 12.05
C GLU A 121 -32.19 -6.49 13.24
N ASP A 122 -33.51 -6.21 13.12
CA ASP A 122 -34.16 -5.45 14.18
C ASP A 122 -34.23 -6.10 15.50
N TYR A 123 -34.58 -7.37 15.48
CA TYR A 123 -34.65 -8.03 16.73
C TYR A 123 -33.38 -7.84 17.50
N ILE A 124 -32.26 -8.05 16.76
CA ILE A 124 -30.91 -7.87 17.23
C ILE A 124 -30.73 -6.46 17.74
N ARG A 125 -30.88 -5.58 16.76
CA ARG A 125 -30.74 -4.18 17.02
C ARG A 125 -31.57 -3.79 18.21
N SER A 126 -32.77 -4.36 18.28
CA SER A 126 -33.72 -4.09 19.32
C SER A 126 -33.43 -4.74 20.65
N ASN A 127 -33.13 -5.98 20.61
CA ASN A 127 -32.98 -6.59 21.90
C ASN A 127 -31.57 -6.59 22.39
N THR A 128 -30.65 -6.50 21.46
CA THR A 128 -29.27 -6.59 21.85
C THR A 128 -28.60 -5.26 21.91
N GLY A 129 -29.04 -4.40 21.03
CA GLY A 129 -28.36 -3.14 20.98
C GLY A 129 -27.18 -3.34 20.05
N LEU A 130 -27.09 -4.49 19.47
CA LEU A 130 -26.00 -4.72 18.61
C LEU A 130 -26.27 -4.46 17.16
N VAL A 131 -25.65 -5.27 16.30
CA VAL A 131 -25.63 -5.20 14.83
C VAL A 131 -25.17 -6.58 14.21
N ILE A 132 -25.60 -6.95 12.97
CA ILE A 132 -25.10 -8.23 12.47
C ILE A 132 -23.67 -8.00 12.04
N ASP A 133 -22.70 -8.69 12.61
CA ASP A 133 -21.28 -8.51 12.32
C ASP A 133 -20.44 -9.50 13.14
N PRO A 134 -19.40 -9.99 12.49
CA PRO A 134 -18.53 -10.99 13.07
C PRO A 134 -17.88 -10.59 14.41
N TYR A 135 -18.00 -9.36 14.76
CA TYR A 135 -17.46 -8.84 16.00
C TYR A 135 -17.87 -9.54 17.24
N PHE A 136 -19.19 -9.65 17.37
CA PHE A 136 -19.87 -10.28 18.48
C PHE A 136 -19.84 -11.77 18.30
N SER A 137 -19.65 -12.39 19.48
CA SER A 137 -19.52 -13.86 19.79
C SER A 137 -20.57 -14.89 19.37
N GLY A 138 -21.85 -14.50 19.41
CA GLY A 138 -22.91 -15.42 19.01
C GLY A 138 -22.43 -16.39 17.90
N THR A 139 -22.09 -15.75 16.77
CA THR A 139 -21.68 -16.43 15.57
C THR A 139 -20.39 -17.18 15.75
N LYS A 140 -19.52 -16.63 16.63
CA LYS A 140 -18.23 -17.29 16.88
C LYS A 140 -18.52 -18.66 17.47
N VAL A 141 -19.32 -18.62 18.52
CA VAL A 141 -19.76 -19.79 19.22
C VAL A 141 -20.22 -20.86 18.25
N LYS A 142 -21.22 -20.42 17.51
CA LYS A 142 -21.81 -21.22 16.47
C LYS A 142 -20.73 -21.86 15.61
N TRP A 143 -19.93 -20.95 14.98
CA TRP A 143 -18.85 -21.35 14.15
C TRP A 143 -18.19 -22.52 14.83
N ILE A 144 -17.92 -22.39 16.10
CA ILE A 144 -17.31 -23.51 16.72
C ILE A 144 -18.16 -24.70 16.73
N LEU A 145 -19.30 -24.55 17.34
CA LEU A 145 -20.15 -25.69 17.36
C LEU A 145 -20.16 -26.50 16.13
N ASP A 146 -20.47 -25.82 15.09
CA ASP A 146 -20.58 -26.46 13.84
C ASP A 146 -19.31 -26.89 13.30
N HIS A 147 -18.28 -26.51 13.97
CA HIS A 147 -17.04 -27.02 13.42
C HIS A 147 -16.46 -28.08 14.27
N VAL A 148 -17.08 -28.36 15.36
CA VAL A 148 -16.53 -29.41 16.18
C VAL A 148 -17.49 -30.57 16.16
N GLU A 149 -17.02 -31.79 16.32
CA GLU A 149 -17.87 -32.98 16.25
C GLU A 149 -19.06 -33.23 17.18
N GLY A 150 -18.85 -33.84 18.33
CA GLY A 150 -20.02 -34.09 19.14
C GLY A 150 -20.60 -32.78 19.61
N SER A 151 -19.66 -31.85 19.81
CA SER A 151 -19.86 -30.49 20.30
C SER A 151 -21.30 -30.22 20.70
N ARG A 152 -22.21 -30.09 19.76
CA ARG A 152 -23.55 -29.83 20.27
C ARG A 152 -24.08 -30.89 21.24
N GLU A 153 -23.79 -32.19 21.07
CA GLU A 153 -24.26 -33.07 22.12
C GLU A 153 -23.68 -32.64 23.46
N ARG A 154 -22.44 -33.00 23.67
CA ARG A 154 -21.84 -32.66 24.91
C ARG A 154 -22.29 -31.32 25.37
N ALA A 155 -22.23 -30.39 24.48
CA ALA A 155 -22.63 -29.05 24.84
C ALA A 155 -23.92 -29.13 25.58
N ARG A 156 -24.78 -29.84 24.86
CA ARG A 156 -26.16 -30.16 25.20
C ARG A 156 -26.30 -30.94 26.47
N ARG A 157 -25.37 -31.85 26.72
CA ARG A 157 -25.41 -32.57 27.96
C ARG A 157 -24.55 -31.94 29.05
N GLY A 158 -24.46 -30.58 28.97
CA GLY A 158 -23.70 -29.70 29.89
C GLY A 158 -22.22 -30.04 29.98
N GLU A 159 -21.82 -30.87 29.03
CA GLU A 159 -20.48 -31.42 28.81
C GLU A 159 -19.48 -30.35 28.49
N LEU A 160 -19.99 -29.33 27.79
CA LEU A 160 -19.24 -28.22 27.30
C LEU A 160 -19.66 -26.95 27.90
N LEU A 161 -18.65 -26.12 27.98
CA LEU A 161 -18.74 -24.84 28.57
C LEU A 161 -18.34 -23.65 27.72
N PHE A 162 -19.11 -22.59 27.80
CA PHE A 162 -18.79 -21.43 27.06
C PHE A 162 -18.56 -20.17 27.80
N GLY A 163 -17.55 -19.44 27.39
CA GLY A 163 -17.42 -18.17 28.02
C GLY A 163 -16.50 -17.21 27.29
N THR A 164 -16.57 -15.96 27.74
CA THR A 164 -15.72 -14.86 27.34
C THR A 164 -14.49 -14.94 28.20
N VAL A 165 -13.53 -14.06 27.95
CA VAL A 165 -12.28 -14.08 28.73
C VAL A 165 -12.63 -14.17 30.19
N ASP A 166 -13.14 -13.07 30.73
CA ASP A 166 -13.54 -13.09 32.14
C ASP A 166 -14.06 -14.49 32.54
N THR A 167 -15.24 -14.84 32.02
CA THR A 167 -15.78 -16.09 32.36
C THR A 167 -14.68 -17.14 32.47
N TRP A 168 -13.79 -17.10 31.55
CA TRP A 168 -12.75 -18.12 31.53
C TRP A 168 -11.71 -18.06 32.60
N LEU A 169 -11.46 -16.84 33.07
CA LEU A 169 -10.49 -16.55 34.11
C LEU A 169 -10.89 -17.07 35.44
N ILE A 170 -12.05 -16.51 35.81
CA ILE A 170 -12.78 -16.86 36.98
C ILE A 170 -12.80 -18.38 37.08
N TRP A 171 -13.27 -19.07 36.01
CA TRP A 171 -13.22 -20.52 36.00
C TRP A 171 -11.93 -21.05 36.53
N LYS A 172 -10.84 -20.62 35.87
CA LYS A 172 -9.51 -20.96 36.29
C LYS A 172 -9.27 -20.47 37.72
N MET A 173 -9.43 -19.18 37.95
CA MET A 173 -9.23 -18.74 39.30
C MET A 173 -9.69 -19.72 40.34
N THR A 174 -10.96 -20.05 40.18
CA THR A 174 -11.72 -20.88 41.08
C THR A 174 -11.85 -22.31 40.64
N GLN A 175 -10.71 -22.86 40.32
CA GLN A 175 -10.54 -24.26 39.87
C GLN A 175 -11.72 -24.98 39.21
N GLY A 176 -12.74 -24.27 38.82
CA GLY A 176 -13.87 -24.93 38.21
C GLY A 176 -15.12 -24.61 39.02
N ARG A 177 -14.94 -23.80 40.08
CA ARG A 177 -16.00 -23.36 41.02
C ARG A 177 -17.03 -22.40 40.47
N VAL A 178 -16.62 -21.41 39.73
CA VAL A 178 -17.61 -20.49 39.28
C VAL A 178 -17.67 -20.34 37.78
N HIS A 179 -18.90 -20.25 37.28
CA HIS A 179 -19.15 -20.05 35.85
C HIS A 179 -20.10 -18.91 35.64
N VAL A 180 -19.58 -17.73 35.86
CA VAL A 180 -20.38 -16.54 35.73
C VAL A 180 -19.69 -15.53 34.82
N THR A 181 -20.39 -14.41 34.64
CA THR A 181 -19.95 -13.26 33.88
C THR A 181 -20.74 -12.03 34.31
N ASP A 182 -20.32 -10.86 33.88
CA ASP A 182 -21.06 -9.72 34.32
C ASP A 182 -21.89 -9.24 33.17
N TYR A 183 -22.64 -8.18 33.34
CA TYR A 183 -23.50 -7.76 32.25
C TYR A 183 -22.82 -7.29 30.99
N THR A 184 -21.94 -6.34 31.22
CA THR A 184 -21.16 -5.70 30.17
C THR A 184 -20.74 -6.71 29.18
N ASN A 185 -19.96 -7.59 29.72
CA ASN A 185 -19.44 -8.69 28.96
C ASN A 185 -20.61 -9.47 28.35
N ALA A 186 -21.62 -9.79 29.15
CA ALA A 186 -22.74 -10.52 28.62
C ALA A 186 -23.23 -9.80 27.37
N SER A 187 -23.63 -8.53 27.55
CA SER A 187 -24.14 -7.72 26.49
C SER A 187 -23.55 -8.14 25.11
N ARG A 188 -22.27 -7.85 24.98
CA ARG A 188 -21.37 -8.12 23.87
C ARG A 188 -21.52 -9.40 23.03
N THR A 189 -22.17 -10.44 23.58
CA THR A 189 -22.36 -11.72 22.91
C THR A 189 -23.26 -11.76 21.76
N MET A 190 -24.19 -10.87 21.82
CA MET A 190 -25.19 -10.83 20.84
C MET A 190 -26.16 -11.96 21.14
N LEU A 191 -26.16 -12.36 22.39
CA LEU A 191 -27.15 -13.35 22.77
C LEU A 191 -27.85 -13.06 24.08
N PHE A 192 -27.98 -11.75 24.41
CA PHE A 192 -28.54 -11.40 25.69
C PHE A 192 -29.44 -10.19 25.56
N ASN A 193 -30.75 -10.36 25.94
CA ASN A 193 -31.62 -9.24 25.70
C ASN A 193 -31.21 -8.22 26.72
N ILE A 194 -31.17 -6.98 26.20
CA ILE A 194 -30.62 -6.02 27.11
C ILE A 194 -31.66 -5.25 27.82
N HIS A 195 -32.93 -5.57 27.52
CA HIS A 195 -33.86 -4.79 28.36
C HIS A 195 -34.26 -5.72 29.48
N THR A 196 -34.27 -7.14 29.22
CA THR A 196 -34.40 -8.33 30.14
C THR A 196 -33.34 -8.83 30.99
N LEU A 197 -32.17 -8.11 30.61
CA LEU A 197 -31.04 -8.62 31.38
C LEU A 197 -31.02 -10.26 31.47
N ASP A 198 -31.19 -10.99 30.31
CA ASP A 198 -31.05 -12.48 30.40
C ASP A 198 -30.77 -13.00 29.01
N TRP A 199 -30.33 -14.25 28.94
CA TRP A 199 -30.09 -14.90 27.67
C TRP A 199 -31.32 -14.74 26.85
N ASP A 200 -31.26 -15.03 25.57
CA ASP A 200 -32.43 -14.81 24.77
C ASP A 200 -32.49 -15.97 23.79
N ASP A 201 -33.55 -16.66 24.00
CA ASP A 201 -33.87 -17.86 23.32
C ASP A 201 -33.89 -17.68 21.84
N LYS A 202 -34.56 -16.59 21.40
CA LYS A 202 -34.60 -16.35 19.99
C LYS A 202 -33.23 -16.69 19.40
N MET A 203 -32.32 -15.88 19.89
CA MET A 203 -30.94 -15.92 19.56
C MET A 203 -30.45 -17.32 19.74
N LEU A 204 -30.60 -17.75 20.99
CA LEU A 204 -30.17 -19.04 21.42
C LEU A 204 -30.51 -20.14 20.48
N GLU A 205 -31.71 -20.10 19.99
CA GLU A 205 -32.05 -21.14 19.09
C GLU A 205 -31.62 -20.80 17.69
N VAL A 206 -31.99 -19.62 17.24
CA VAL A 206 -31.59 -19.16 15.92
C VAL A 206 -30.15 -19.61 15.65
N LEU A 207 -29.28 -19.29 16.61
CA LEU A 207 -27.91 -19.67 16.47
C LEU A 207 -27.68 -21.13 16.91
N ASP A 208 -28.69 -21.71 17.53
CA ASP A 208 -28.51 -23.06 17.88
C ASP A 208 -27.38 -23.25 18.86
N ILE A 209 -27.50 -22.58 20.01
CA ILE A 209 -26.58 -22.70 21.12
C ILE A 209 -27.37 -23.28 22.29
N PRO A 210 -26.83 -24.32 22.99
CA PRO A 210 -27.51 -24.93 24.14
C PRO A 210 -27.38 -24.08 25.39
N ARG A 211 -28.52 -23.67 26.01
CA ARG A 211 -28.54 -22.90 27.24
C ARG A 211 -27.66 -23.50 28.36
N GLU A 212 -27.28 -24.75 28.17
CA GLU A 212 -26.40 -25.52 29.03
C GLU A 212 -25.00 -24.95 29.29
N MET A 213 -24.29 -24.52 28.22
CA MET A 213 -22.92 -24.02 28.34
C MET A 213 -22.84 -22.52 28.66
N LEU A 214 -23.98 -21.88 28.77
CA LEU A 214 -24.01 -20.51 29.16
C LEU A 214 -23.54 -20.29 30.63
N PRO A 215 -23.16 -19.06 31.01
CA PRO A 215 -22.73 -18.77 32.37
C PRO A 215 -23.63 -17.79 33.10
N GLU A 216 -23.76 -17.96 34.42
CA GLU A 216 -24.57 -17.08 35.24
C GLU A 216 -24.24 -15.64 34.98
N VAL A 217 -25.21 -14.85 34.62
CA VAL A 217 -24.84 -13.47 34.38
C VAL A 217 -25.02 -12.65 35.64
N ARG A 218 -23.98 -11.91 36.05
CA ARG A 218 -24.08 -11.12 37.29
C ARG A 218 -23.72 -9.67 37.16
N ARG A 219 -23.83 -9.01 38.29
CA ARG A 219 -23.55 -7.59 38.37
C ARG A 219 -22.04 -7.40 38.40
N SER A 220 -21.65 -6.27 37.83
CA SER A 220 -20.27 -5.91 37.65
C SER A 220 -19.46 -5.84 38.91
N SER A 221 -20.12 -5.43 39.98
CA SER A 221 -19.48 -5.27 41.30
C SER A 221 -20.13 -6.14 42.36
N GLU A 222 -19.65 -7.38 42.47
CA GLU A 222 -20.23 -8.32 43.40
C GLU A 222 -19.29 -9.44 43.71
N VAL A 223 -19.57 -10.16 44.75
CA VAL A 223 -18.59 -11.16 45.08
C VAL A 223 -18.88 -12.48 44.57
N TYR A 224 -18.08 -12.76 43.61
CA TYR A 224 -18.21 -13.94 42.83
C TYR A 224 -17.63 -15.22 43.42
N GLY A 225 -16.49 -15.12 44.14
CA GLY A 225 -15.83 -16.27 44.71
C GLY A 225 -14.49 -15.98 45.37
N GLN A 226 -13.72 -17.03 45.56
CA GLN A 226 -12.48 -16.81 46.21
C GLN A 226 -11.41 -17.51 45.44
N THR A 227 -10.22 -16.93 45.52
CA THR A 227 -9.09 -17.50 44.82
C THR A 227 -8.11 -18.01 45.81
N ASN A 228 -7.81 -19.30 45.70
CA ASN A 228 -6.82 -19.74 46.64
C ASN A 228 -5.41 -19.60 46.06
N ILE A 229 -5.15 -18.39 45.60
CA ILE A 229 -3.84 -18.05 45.12
C ILE A 229 -2.98 -18.06 46.32
N GLY A 230 -3.63 -17.62 47.41
CA GLY A 230 -3.09 -17.56 48.73
C GLY A 230 -1.59 -17.70 48.81
N THR A 235 -4.95 -19.16 51.45
CA THR A 235 -5.18 -17.69 51.50
C THR A 235 -6.08 -17.22 50.33
N ARG A 236 -7.39 -17.55 50.50
CA ARG A 236 -8.50 -17.30 49.60
C ARG A 236 -8.72 -15.83 49.37
N ILE A 237 -8.43 -15.37 48.16
CA ILE A 237 -8.67 -13.99 47.81
C ILE A 237 -9.98 -13.89 47.07
N PRO A 238 -10.53 -12.72 47.05
CA PRO A 238 -11.81 -12.53 46.41
C PRO A 238 -11.74 -11.74 45.10
N ILE A 239 -12.83 -12.01 44.35
CA ILE A 239 -13.16 -11.52 43.02
C ILE A 239 -14.49 -10.82 43.11
N SER A 240 -14.41 -9.50 43.10
CA SER A 240 -15.65 -8.77 43.20
C SER A 240 -15.78 -7.80 42.06
N GLY A 241 -15.14 -8.16 40.96
CA GLY A 241 -15.26 -7.22 39.88
C GLY A 241 -15.00 -7.77 38.51
N ILE A 242 -15.93 -7.38 37.62
CA ILE A 242 -15.91 -7.72 36.22
C ILE A 242 -16.32 -6.61 35.32
N ALA A 243 -15.65 -6.46 34.18
CA ALA A 243 -16.04 -5.47 33.20
C ALA A 243 -15.32 -5.71 31.93
N GLY A 244 -15.91 -5.23 30.87
CA GLY A 244 -15.24 -5.37 29.62
C GLY A 244 -14.20 -4.33 29.73
N ASP A 245 -13.03 -4.55 29.18
CA ASP A 245 -12.17 -3.43 29.37
C ASP A 245 -12.78 -1.97 29.22
N GLN A 246 -13.37 -1.70 28.01
CA GLN A 246 -13.89 -0.33 27.85
C GLN A 246 -14.76 0.32 28.88
N GLN A 247 -15.71 -0.44 29.25
CA GLN A 247 -16.69 -0.13 30.25
C GLN A 247 -15.91 0.24 31.45
N ALA A 248 -15.03 -0.67 31.77
CA ALA A 248 -14.06 -0.47 32.82
C ALA A 248 -13.39 0.89 32.64
N ALA A 249 -12.77 1.17 31.50
CA ALA A 249 -12.19 2.52 31.48
C ALA A 249 -13.21 3.68 31.45
N LEU A 250 -14.46 3.34 31.42
CA LEU A 250 -15.29 4.50 31.32
C LEU A 250 -15.58 5.09 32.70
N PHE A 251 -15.58 4.09 33.59
CA PHE A 251 -15.83 4.18 34.98
C PHE A 251 -14.67 4.84 35.60
N GLY A 252 -13.49 4.37 35.20
CA GLY A 252 -12.19 4.87 35.70
C GLY A 252 -12.04 6.32 35.33
N GLN A 253 -12.77 6.70 34.30
CA GLN A 253 -12.78 8.04 33.79
C GLN A 253 -13.91 8.75 34.44
N LEU A 254 -14.54 7.95 35.24
CA LEU A 254 -15.61 8.39 36.03
C LEU A 254 -16.66 8.97 35.14
N CYS A 255 -16.76 8.51 33.88
CA CYS A 255 -17.85 9.06 33.07
C CYS A 255 -18.95 8.30 33.61
N VAL A 256 -19.60 8.93 34.53
CA VAL A 256 -20.56 8.15 35.28
C VAL A 256 -21.94 8.72 35.34
N LYS A 257 -22.27 9.45 34.28
CA LYS A 257 -23.61 9.91 34.12
C LYS A 257 -23.78 10.48 32.73
N GLU A 258 -24.99 10.43 32.26
CA GLU A 258 -25.36 10.95 30.96
C GLU A 258 -24.36 11.95 30.43
N GLY A 259 -23.97 11.76 29.14
CA GLY A 259 -23.13 12.62 28.28
C GLY A 259 -21.66 12.60 28.59
N MET A 260 -21.25 11.66 29.39
CA MET A 260 -19.88 11.62 29.72
C MET A 260 -19.29 10.66 28.76
N ALA A 261 -18.31 11.13 28.06
CA ALA A 261 -17.76 10.19 27.10
C ALA A 261 -16.23 10.16 27.10
N LYS A 262 -15.68 9.12 26.55
CA LYS A 262 -14.27 9.16 26.54
C LYS A 262 -13.85 8.49 25.31
N ASN A 263 -12.66 8.85 24.86
CA ASN A 263 -12.24 8.03 23.81
C ASN A 263 -10.96 7.48 24.27
N THR A 264 -10.95 6.19 24.15
CA THR A 264 -9.83 5.36 24.42
C THR A 264 -8.95 5.04 23.17
N TYR A 265 -7.65 5.16 23.31
CA TYR A 265 -6.72 4.83 22.26
C TYR A 265 -5.81 3.74 22.60
N GLY A 266 -6.00 2.53 22.06
CA GLY A 266 -5.11 1.36 22.34
C GLY A 266 -5.00 0.37 21.17
N THR A 267 -5.21 -0.94 21.41
CA THR A 267 -5.11 -1.89 20.29
C THR A 267 -6.13 -1.45 19.20
N GLY A 268 -7.33 -1.09 19.68
CA GLY A 268 -8.37 -0.54 18.90
C GLY A 268 -8.75 0.82 19.53
N CYS A 269 -9.87 1.39 19.10
CA CYS A 269 -10.46 2.66 19.53
C CYS A 269 -11.92 2.56 20.03
N PHE A 270 -12.17 2.77 21.30
CA PHE A 270 -13.51 2.64 21.70
C PHE A 270 -13.93 3.87 22.33
N MET A 271 -14.89 4.43 21.72
CA MET A 271 -15.35 5.67 22.20
C MET A 271 -16.66 5.54 22.85
N LEU A 272 -16.72 5.65 24.15
CA LEU A 272 -18.06 5.47 24.73
C LEU A 272 -18.60 6.69 25.38
N MET A 273 -19.90 6.71 25.38
CA MET A 273 -20.59 7.80 25.97
C MET A 273 -21.77 7.37 26.78
N ASN A 274 -21.75 7.68 28.06
CA ASN A 274 -22.83 7.27 28.97
C ASN A 274 -24.25 7.81 28.65
N THR A 275 -25.26 6.89 28.58
CA THR A 275 -26.65 7.25 28.31
C THR A 275 -27.51 6.98 29.56
N GLY A 276 -26.92 7.07 30.74
CA GLY A 276 -27.64 6.87 31.96
C GLY A 276 -28.40 5.55 31.96
N GLU A 277 -29.61 5.62 32.60
CA GLU A 277 -30.59 4.52 32.78
C GLU A 277 -31.40 4.07 31.60
N LYS A 278 -31.37 4.88 30.55
CA LYS A 278 -32.10 4.65 29.33
C LYS A 278 -31.22 4.28 28.13
N ALA A 279 -31.68 3.32 27.42
CA ALA A 279 -30.95 2.87 26.29
C ALA A 279 -31.28 3.57 24.97
N VAL A 280 -30.36 4.40 24.55
CA VAL A 280 -30.51 5.05 23.27
C VAL A 280 -30.25 4.15 22.07
N LYS A 281 -31.01 4.32 20.96
CA LYS A 281 -30.79 3.50 19.76
C LYS A 281 -30.10 4.27 18.61
N SER A 282 -28.87 3.77 18.25
CA SER A 282 -28.07 4.34 17.18
C SER A 282 -28.82 4.27 15.88
N GLU A 283 -28.57 5.23 15.05
CA GLU A 283 -29.14 5.32 13.76
C GLU A 283 -28.01 5.57 12.90
N ASN A 284 -26.89 5.66 13.54
CA ASN A 284 -25.73 5.99 12.82
C ASN A 284 -24.60 5.03 13.04
N GLY A 285 -24.89 3.75 13.01
CA GLY A 285 -23.86 2.74 13.08
C GLY A 285 -23.19 2.57 14.38
N LEU A 286 -23.83 2.95 15.44
CA LEU A 286 -23.18 2.76 16.72
C LEU A 286 -23.74 1.59 17.53
N LEU A 287 -23.22 1.40 18.74
CA LEU A 287 -23.62 0.32 19.63
C LEU A 287 -24.22 0.80 20.91
N THR A 288 -25.33 0.16 21.20
CA THR A 288 -26.09 0.36 22.38
C THR A 288 -25.66 -0.74 23.27
N THR A 289 -25.09 -0.36 24.41
CA THR A 289 -24.63 -1.37 25.34
C THR A 289 -24.75 -0.94 26.83
N ILE A 290 -24.41 -1.88 27.67
CA ILE A 290 -24.48 -1.75 29.09
C ILE A 290 -23.27 -1.10 29.75
N ALA A 291 -23.49 -0.16 30.70
CA ALA A 291 -22.37 0.48 31.40
C ALA A 291 -22.55 0.43 32.91
N CYS A 292 -21.64 1.06 33.64
CA CYS A 292 -21.77 1.09 35.08
C CYS A 292 -22.24 2.41 35.57
N GLY A 293 -23.27 2.33 36.42
CA GLY A 293 -23.88 3.44 37.06
C GLY A 293 -22.92 3.77 38.14
N PRO A 294 -23.11 4.90 38.75
CA PRO A 294 -22.16 5.33 39.75
C PRO A 294 -21.93 4.31 40.83
N THR A 295 -22.84 3.36 41.01
CA THR A 295 -22.62 2.36 42.09
C THR A 295 -22.23 0.99 41.57
N GLY A 296 -21.95 0.92 40.26
CA GLY A 296 -21.62 -0.34 39.67
C GLY A 296 -22.92 -1.01 39.33
N GLU A 297 -23.88 -0.13 39.05
CA GLU A 297 -25.22 -0.50 38.68
C GLU A 297 -25.38 -0.28 37.19
N VAL A 298 -26.21 -1.07 36.62
CA VAL A 298 -26.47 -0.95 35.21
C VAL A 298 -26.66 0.48 34.68
N ASN A 299 -26.11 0.72 33.51
CA ASN A 299 -26.25 1.97 32.90
C ASN A 299 -26.27 1.74 31.38
N TYR A 300 -26.44 2.78 30.62
CA TYR A 300 -26.38 2.53 29.22
C TYR A 300 -25.36 3.38 28.60
N ALA A 301 -24.90 2.93 27.46
CA ALA A 301 -23.91 3.70 26.76
C ALA A 301 -24.03 3.57 25.25
N LEU A 302 -23.56 4.60 24.59
CA LEU A 302 -23.43 4.63 23.13
C LEU A 302 -22.00 4.28 22.79
N GLU A 303 -21.81 3.27 21.99
CA GLU A 303 -20.42 2.93 21.74
C GLU A 303 -19.99 2.86 20.35
N GLY A 304 -18.85 3.50 20.04
CA GLY A 304 -18.23 3.40 18.71
C GLY A 304 -17.02 2.43 18.78
N ALA A 305 -16.98 1.32 18.03
CA ALA A 305 -15.79 0.44 18.11
C ALA A 305 -14.96 0.53 16.83
N VAL A 306 -13.65 0.75 17.06
CA VAL A 306 -12.68 0.91 15.99
C VAL A 306 -11.67 -0.18 16.08
N PHE A 307 -11.72 -1.13 15.15
CA PHE A 307 -10.82 -2.25 15.27
C PHE A 307 -9.30 -1.95 15.32
N MET A 308 -8.73 -1.24 14.33
CA MET A 308 -7.30 -0.96 14.31
C MET A 308 -6.95 0.41 14.78
N ALA A 309 -5.99 0.53 15.69
CA ALA A 309 -5.59 1.87 16.16
C ALA A 309 -4.09 1.83 16.54
N GLY A 310 -3.79 1.56 17.83
CA GLY A 310 -2.39 1.46 18.22
C GLY A 310 -1.79 0.35 17.41
N ALA A 311 -2.65 -0.58 17.11
CA ALA A 311 -2.31 -1.80 16.41
C ALA A 311 -1.68 -1.53 15.09
N SER A 312 -2.01 -0.42 14.49
CA SER A 312 -1.42 -0.28 13.22
C SER A 312 0.05 0.12 13.42
N ILE A 313 0.27 0.67 14.58
CA ILE A 313 1.62 1.03 14.96
C ILE A 313 2.39 -0.27 15.19
N GLN A 314 1.80 -1.17 15.98
CA GLN A 314 2.52 -2.40 16.15
C GLN A 314 2.95 -2.93 14.84
N TRP A 315 1.97 -3.06 13.92
CA TRP A 315 2.19 -3.49 12.54
C TRP A 315 3.47 -2.94 11.87
N LEU A 316 3.50 -1.60 11.95
CA LEU A 316 4.55 -0.84 11.39
C LEU A 316 5.85 -1.28 11.90
N ARG A 317 5.81 -1.55 13.20
CA ARG A 317 7.05 -1.92 13.87
C ARG A 317 7.40 -3.38 13.75
N ASP A 318 6.43 -4.24 13.93
CA ASP A 318 6.78 -5.68 13.82
C ASP A 318 6.74 -6.31 12.45
N GLU A 319 5.81 -5.91 11.59
CA GLU A 319 5.83 -6.55 10.34
C GLU A 319 6.56 -5.77 9.32
N MET A 320 6.20 -4.50 9.25
CA MET A 320 6.86 -3.66 8.26
C MET A 320 8.22 -3.29 8.74
N LYS A 321 8.31 -3.11 10.07
CA LYS A 321 9.56 -2.69 10.65
C LYS A 321 10.06 -1.30 10.26
N LEU A 322 9.12 -0.45 10.02
CA LEU A 322 9.56 0.87 9.67
C LEU A 322 10.14 1.62 10.91
N ILE A 323 9.86 1.10 12.12
CA ILE A 323 10.30 1.71 13.39
C ILE A 323 10.64 0.66 14.42
N ASN A 324 11.38 1.04 15.43
CA ASN A 324 11.76 0.07 16.50
C ASN A 324 10.95 0.24 17.82
N ASP A 325 10.29 1.39 17.90
CA ASP A 325 9.47 1.73 19.00
C ASP A 325 8.19 2.43 18.69
N ALA A 326 7.13 2.05 19.38
CA ALA A 326 5.88 2.80 19.22
C ALA A 326 6.28 4.24 19.37
N TYR A 327 7.08 4.40 20.35
CA TYR A 327 7.59 5.67 20.60
C TYR A 327 7.98 6.47 19.40
N ASP A 328 8.89 5.87 18.64
CA ASP A 328 9.51 6.47 17.50
C ASP A 328 8.62 7.12 16.50
N SER A 329 7.42 6.65 16.44
CA SER A 329 6.49 7.14 15.46
C SER A 329 6.40 8.66 15.41
N GLU A 330 6.22 9.28 16.58
CA GLU A 330 6.15 10.75 16.68
C GLU A 330 7.32 11.47 15.96
N TYR A 331 8.55 11.03 16.34
CA TYR A 331 9.73 11.58 15.72
C TYR A 331 9.68 11.51 14.20
N PHE A 332 9.36 10.35 13.71
CA PHE A 332 9.33 10.31 12.28
C PHE A 332 8.29 11.08 11.63
N ALA A 333 7.24 11.25 12.32
CA ALA A 333 6.13 11.92 11.69
C ALA A 333 6.33 13.41 11.66
N THR A 334 6.95 13.89 12.66
CA THR A 334 7.18 15.29 12.71
C THR A 334 8.40 15.52 11.88
N LYS A 335 9.00 14.39 11.43
CA LYS A 335 10.12 14.57 10.52
C LYS A 335 9.53 15.14 9.24
N VAL A 336 8.29 14.77 8.83
CA VAL A 336 7.66 15.39 7.63
C VAL A 336 6.64 16.51 8.00
N GLN A 337 6.35 17.41 7.04
CA GLN A 337 5.39 18.48 7.24
C GLN A 337 3.97 18.00 7.07
N ASN A 338 3.86 16.92 6.29
CA ASN A 338 2.62 16.28 5.94
C ASN A 338 2.68 14.86 5.36
N THR A 339 1.48 14.30 5.25
CA THR A 339 1.42 12.95 4.77
C THR A 339 1.58 12.90 3.28
N ASN A 340 1.86 14.05 2.75
CA ASN A 340 2.14 14.11 1.34
C ASN A 340 1.07 13.49 0.47
N GLY A 341 -0.21 13.63 0.87
CA GLY A 341 -1.35 13.07 0.07
C GLY A 341 -1.73 11.59 0.35
N VAL A 342 -0.80 10.86 1.00
CA VAL A 342 -1.01 9.52 1.36
C VAL A 342 -2.15 9.38 2.30
N TYR A 343 -2.84 8.32 2.20
CA TYR A 343 -3.95 8.03 3.10
C TYR A 343 -3.82 6.54 3.46
N VAL A 344 -3.99 6.22 4.73
CA VAL A 344 -3.85 4.83 5.10
C VAL A 344 -5.12 4.32 5.65
N VAL A 345 -5.66 3.26 5.11
CA VAL A 345 -6.89 2.77 5.75
C VAL A 345 -6.64 1.41 6.49
N PRO A 346 -6.53 1.53 7.78
CA PRO A 346 -6.25 0.48 8.69
C PRO A 346 -7.26 -0.62 8.79
N ALA A 347 -7.74 -1.13 7.65
CA ALA A 347 -8.77 -2.18 7.74
C ALA A 347 -8.21 -3.58 7.66
N PHE A 348 -7.41 -3.90 8.57
CA PHE A 348 -6.80 -5.18 8.57
C PHE A 348 -7.76 -6.28 8.95
N THR A 349 -8.79 -5.91 9.66
CA THR A 349 -9.79 -6.86 10.12
C THR A 349 -11.21 -6.37 9.84
N GLY A 350 -11.37 -5.82 8.60
CA GLY A 350 -12.60 -5.22 8.11
C GLY A 350 -12.79 -3.79 8.68
N LEU A 351 -14.02 -3.22 8.59
CA LEU A 351 -14.29 -1.89 9.06
C LEU A 351 -15.11 -1.70 10.35
N GLY A 352 -16.20 -2.28 10.62
CA GLY A 352 -16.49 -1.76 11.98
C GLY A 352 -17.12 -0.40 12.04
N ALA A 353 -17.36 0.08 13.19
CA ALA A 353 -18.16 1.30 13.27
C ALA A 353 -17.66 2.38 12.50
N PRO A 354 -18.43 3.24 11.92
CA PRO A 354 -19.85 3.29 11.60
C PRO A 354 -20.17 2.42 10.43
N TYR A 355 -19.10 2.09 9.65
CA TYR A 355 -19.08 1.24 8.47
C TYR A 355 -19.53 -0.22 8.65
N TRP A 356 -18.87 -1.00 9.46
CA TRP A 356 -19.32 -2.37 9.58
C TRP A 356 -19.24 -3.09 8.25
N ASP A 357 -18.01 -3.11 7.76
CA ASP A 357 -17.70 -3.76 6.53
C ASP A 357 -16.67 -4.89 6.71
N PRO A 358 -17.12 -6.06 7.12
CA PRO A 358 -16.27 -7.24 7.18
C PRO A 358 -15.46 -7.54 5.89
N TYR A 359 -15.65 -6.75 4.83
CA TYR A 359 -14.93 -7.09 3.64
C TYR A 359 -13.90 -6.13 3.19
N ALA A 360 -13.90 -4.99 3.82
CA ALA A 360 -12.87 -4.02 3.60
C ALA A 360 -11.55 -4.70 4.10
N ARG A 361 -10.43 -4.34 3.46
CA ARG A 361 -9.09 -4.79 3.84
C ARG A 361 -8.10 -3.60 3.95
N GLY A 362 -6.94 -3.73 4.62
CA GLY A 362 -6.09 -2.52 4.72
C GLY A 362 -5.64 -1.89 3.36
N ALA A 363 -5.54 -0.53 3.28
CA ALA A 363 -5.05 0.07 2.06
C ALA A 363 -4.26 1.40 2.12
N ILE A 364 -3.27 1.51 1.24
CA ILE A 364 -2.50 2.71 1.20
C ILE A 364 -2.85 3.40 -0.03
N PHE A 365 -2.99 4.74 0.04
CA PHE A 365 -3.34 5.45 -1.16
C PHE A 365 -2.60 6.75 -1.48
N GLY A 366 -2.66 7.09 -2.79
CA GLY A 366 -2.12 8.35 -3.31
C GLY A 366 -0.64 8.36 -3.31
N LEU A 367 -0.12 7.19 -3.60
CA LEU A 367 1.30 7.06 -3.65
C LEU A 367 1.90 7.81 -4.81
N THR A 368 3.06 8.31 -4.55
CA THR A 368 3.71 9.08 -5.52
C THR A 368 5.11 8.88 -5.28
N ARG A 369 5.88 8.89 -6.37
CA ARG A 369 7.28 8.60 -6.11
C ARG A 369 8.08 9.35 -5.05
N GLY A 370 7.71 10.60 -4.64
CA GLY A 370 8.49 11.27 -3.60
C GLY A 370 8.05 10.80 -2.17
N VAL A 371 7.18 9.78 -2.11
CA VAL A 371 6.67 9.34 -0.85
C VAL A 371 7.58 8.54 -0.06
N ASN A 372 7.80 8.92 1.19
CA ASN A 372 8.70 8.08 1.94
C ASN A 372 8.10 7.44 3.20
N ALA A 373 8.96 6.55 3.76
CA ALA A 373 8.60 5.77 4.89
C ALA A 373 8.02 6.68 5.96
N ASN A 374 8.52 7.95 6.01
CA ASN A 374 8.00 8.83 7.05
C ASN A 374 6.61 9.23 6.75
N HIS A 375 6.36 9.43 5.45
CA HIS A 375 4.99 9.75 5.14
C HIS A 375 4.07 8.61 5.49
N ILE A 376 4.53 7.36 5.23
CA ILE A 376 3.69 6.25 5.55
C ILE A 376 3.34 6.26 7.02
N ILE A 377 4.41 6.45 7.79
CA ILE A 377 4.30 6.46 9.21
C ILE A 377 3.29 7.46 9.69
N ARG A 378 3.54 8.63 9.30
CA ARG A 378 2.64 9.65 9.70
C ARG A 378 1.18 9.27 9.38
N ALA A 379 0.94 8.93 8.13
CA ALA A 379 -0.37 8.61 7.62
C ALA A 379 -1.22 7.73 8.55
N THR A 380 -0.53 6.70 9.04
CA THR A 380 -1.03 5.71 9.93
C THR A 380 -1.59 6.34 11.18
N LEU A 381 -0.80 7.22 11.80
CA LEU A 381 -1.29 7.91 13.00
C LEU A 381 -2.55 8.66 12.73
N GLU A 382 -2.35 9.51 11.75
CA GLU A 382 -3.39 10.35 11.24
C GLU A 382 -4.74 9.60 11.11
N SER A 383 -4.61 8.42 10.45
CA SER A 383 -5.76 7.56 10.22
C SER A 383 -6.45 7.27 11.57
N ILE A 384 -5.66 7.17 12.63
CA ILE A 384 -6.31 6.99 13.92
C ILE A 384 -7.29 8.15 14.25
N ALA A 385 -6.81 9.40 14.08
CA ALA A 385 -7.64 10.55 14.35
C ALA A 385 -8.86 10.67 13.42
N TYR A 386 -8.67 10.24 12.16
CA TYR A 386 -9.80 10.30 11.24
C TYR A 386 -10.98 9.53 11.74
N GLN A 387 -10.60 8.27 11.90
CA GLN A 387 -11.49 7.26 12.37
C GLN A 387 -12.26 7.81 13.54
N THR A 388 -11.50 8.32 14.51
CA THR A 388 -12.11 8.88 15.68
C THR A 388 -13.13 9.90 15.35
N ARG A 389 -12.79 10.76 14.43
CA ARG A 389 -13.77 11.73 14.01
C ARG A 389 -15.01 11.00 13.47
N ASP A 390 -14.75 10.08 12.55
CA ASP A 390 -15.83 9.25 12.01
C ASP A 390 -16.91 8.90 13.00
N VAL A 391 -16.44 8.55 14.18
CA VAL A 391 -17.43 8.16 15.10
C VAL A 391 -18.02 9.27 15.87
N LEU A 392 -17.12 10.17 16.28
CA LEU A 392 -17.54 11.27 17.07
C LEU A 392 -18.79 11.90 16.48
N GLU A 393 -18.75 12.14 15.19
CA GLU A 393 -19.96 12.65 14.66
C GLU A 393 -21.11 11.66 14.90
N ALA A 394 -20.98 10.39 14.50
CA ALA A 394 -22.12 9.56 14.79
C ALA A 394 -22.54 9.71 16.18
N MET A 395 -21.56 9.63 17.03
CA MET A 395 -21.88 9.80 18.43
C MET A 395 -22.87 10.94 18.53
N GLN A 396 -22.48 12.13 18.09
CA GLN A 396 -23.43 13.21 18.18
C GLN A 396 -24.68 13.03 17.42
N ALA A 397 -24.47 12.47 16.23
CA ALA A 397 -25.62 12.25 15.39
C ALA A 397 -26.61 11.66 16.35
N ASP A 398 -26.30 10.47 16.80
CA ASP A 398 -27.17 9.81 17.76
C ASP A 398 -27.50 10.61 19.03
N SER A 399 -26.46 10.95 19.80
CA SER A 399 -26.59 11.71 21.05
C SER A 399 -27.34 13.02 20.99
N GLY A 400 -27.19 13.71 19.89
CA GLY A 400 -27.84 15.03 19.83
C GLY A 400 -27.22 15.93 20.94
N ILE A 401 -25.90 15.88 20.95
CA ILE A 401 -25.03 16.53 21.90
C ILE A 401 -23.71 16.99 21.32
N ARG A 402 -23.39 18.24 21.44
CA ARG A 402 -22.11 18.71 20.96
C ARG A 402 -20.99 18.59 22.00
N LEU A 403 -20.07 17.63 21.92
CA LEU A 403 -19.04 17.62 22.95
C LEU A 403 -18.12 18.73 22.70
N HIS A 404 -17.73 19.47 23.73
CA HIS A 404 -16.84 20.59 23.50
C HIS A 404 -15.42 20.28 23.82
N ALA A 405 -15.31 19.07 24.37
CA ALA A 405 -14.09 18.48 24.80
C ALA A 405 -14.20 17.02 24.86
N LEU A 406 -13.09 16.42 24.48
CA LEU A 406 -13.03 14.99 24.45
C LEU A 406 -12.08 14.45 25.50
N ARG A 407 -12.55 13.56 26.39
CA ARG A 407 -11.58 13.07 27.30
C ARG A 407 -11.03 11.75 26.84
N VAL A 408 -9.75 11.76 26.67
CA VAL A 408 -9.19 10.54 26.21
C VAL A 408 -8.39 9.81 27.26
N ASP A 409 -7.81 8.71 26.79
CA ASP A 409 -7.02 7.80 27.56
C ASP A 409 -6.65 6.64 26.67
N GLY A 410 -5.64 5.92 27.17
CA GLY A 410 -5.06 4.84 26.44
C GLY A 410 -3.56 5.06 26.12
N GLY A 411 -2.88 3.93 25.91
CA GLY A 411 -1.50 3.88 25.65
C GLY A 411 -1.01 4.99 24.79
N ALA A 412 -1.56 5.07 23.63
CA ALA A 412 -1.22 6.05 22.64
C ALA A 412 -1.46 7.55 22.93
N VAL A 413 -2.12 7.90 24.02
CA VAL A 413 -2.34 9.32 24.22
C VAL A 413 -1.02 10.01 24.64
N ALA A 414 0.03 9.20 24.70
CA ALA A 414 1.29 9.77 25.00
C ALA A 414 1.83 10.51 23.85
N ASN A 415 1.30 10.14 22.67
CA ASN A 415 1.64 10.72 21.37
C ASN A 415 1.01 12.05 21.19
N ASN A 416 1.83 13.04 21.43
CA ASN A 416 1.38 14.40 21.42
C ASN A 416 1.05 14.84 20.04
N PHE A 417 1.86 14.40 19.10
CA PHE A 417 1.54 14.79 17.76
C PHE A 417 0.15 14.38 17.41
N LEU A 418 -0.09 13.08 17.76
CA LEU A 418 -1.32 12.44 17.55
C LEU A 418 -2.39 13.24 18.13
N MET A 419 -2.22 13.32 19.43
CA MET A 419 -3.15 14.09 20.25
C MET A 419 -3.51 15.41 19.59
N GLN A 420 -2.48 16.17 19.23
CA GLN A 420 -2.70 17.45 18.63
C GLN A 420 -3.41 17.42 17.32
N PHE A 421 -2.87 16.56 16.47
CA PHE A 421 -3.46 16.36 15.17
C PHE A 421 -4.92 16.04 15.38
N GLN A 422 -5.20 15.26 16.46
CA GLN A 422 -6.55 14.80 16.75
C GLN A 422 -7.50 15.94 17.03
N SER A 423 -7.02 16.84 17.87
CA SER A 423 -7.83 17.99 18.19
C SER A 423 -7.99 18.87 16.92
N ASP A 424 -7.01 18.89 16.06
CA ASP A 424 -7.16 19.72 14.85
C ASP A 424 -8.23 19.25 13.90
N ILE A 425 -8.19 18.01 13.61
CA ILE A 425 -9.12 17.47 12.68
C ILE A 425 -10.52 17.43 13.19
N LEU A 426 -10.66 17.43 14.49
CA LEU A 426 -11.94 17.39 15.16
C LEU A 426 -12.70 18.72 15.18
N GLY A 427 -11.88 19.75 15.54
CA GLY A 427 -12.21 21.11 15.78
C GLY A 427 -12.64 21.18 17.23
N THR A 428 -11.91 20.49 18.11
CA THR A 428 -12.32 20.39 19.50
C THR A 428 -11.18 20.26 20.48
N ARG A 429 -11.40 20.67 21.73
CA ARG A 429 -10.30 20.55 22.66
C ARG A 429 -10.21 19.10 23.12
N VAL A 430 -8.98 18.63 23.38
CA VAL A 430 -8.76 17.26 23.81
C VAL A 430 -8.12 17.20 25.21
N GLU A 431 -8.73 16.49 26.17
CA GLU A 431 -8.24 16.42 27.55
C GLU A 431 -7.56 15.16 27.99
N ARG A 432 -6.24 15.33 28.33
CA ARG A 432 -5.44 14.23 28.76
C ARG A 432 -5.31 14.27 30.25
N PRO A 433 -6.04 13.38 30.91
CA PRO A 433 -5.99 13.27 32.31
C PRO A 433 -4.54 13.01 32.80
N GLU A 434 -4.32 13.23 34.10
CA GLU A 434 -3.07 13.02 34.83
C GLU A 434 -2.72 11.53 34.95
N VAL A 435 -3.65 10.72 35.47
CA VAL A 435 -3.44 9.27 35.63
C VAL A 435 -3.80 8.46 34.39
N ARG A 436 -3.01 7.45 34.02
CA ARG A 436 -3.36 6.73 32.81
C ARG A 436 -3.95 5.32 32.95
N GLU A 437 -3.68 4.57 34.04
CA GLU A 437 -4.24 3.22 34.16
C GLU A 437 -5.69 3.30 34.51
N VAL A 438 -6.36 4.07 33.67
CA VAL A 438 -7.74 4.43 33.82
C VAL A 438 -8.64 3.26 33.84
N THR A 439 -8.22 2.24 33.11
CA THR A 439 -8.96 1.00 33.06
C THR A 439 -8.79 0.27 34.38
N ALA A 440 -7.56 -0.13 34.72
CA ALA A 440 -7.30 -0.86 35.95
C ALA A 440 -7.94 -0.17 37.12
N LEU A 441 -7.86 1.15 37.03
CA LEU A 441 -8.47 2.00 37.97
C LEU A 441 -9.85 1.46 38.18
N GLY A 442 -10.57 1.48 37.04
CA GLY A 442 -11.92 0.97 36.85
C GLY A 442 -12.03 -0.31 37.64
N ALA A 443 -11.68 -1.45 37.02
CA ALA A 443 -11.74 -2.79 37.70
C ALA A 443 -11.47 -2.84 39.18
N ALA A 444 -10.39 -2.16 39.58
CA ALA A 444 -10.05 -2.08 40.97
C ALA A 444 -11.32 -1.57 41.67
N TYR A 445 -11.64 -0.26 41.46
CA TYR A 445 -12.83 0.34 42.08
C TYR A 445 -14.04 -0.59 42.16
N LEU A 446 -14.49 -0.97 41.04
CA LEU A 446 -15.52 -1.93 41.02
C LEU A 446 -15.23 -3.05 42.02
N ALA A 447 -14.16 -3.71 41.83
CA ALA A 447 -13.80 -4.82 42.71
C ALA A 447 -13.78 -4.44 44.21
N GLY A 448 -13.07 -3.37 44.46
CA GLY A 448 -12.95 -2.89 45.81
C GLY A 448 -14.23 -2.24 46.26
N LEU A 449 -14.84 -1.50 45.37
CA LEU A 449 -16.09 -0.86 45.73
C LEU A 449 -17.10 -1.83 46.22
N ALA A 450 -16.88 -3.02 45.71
CA ALA A 450 -17.66 -4.20 45.93
C ALA A 450 -17.48 -4.81 47.27
N VAL A 451 -16.39 -4.44 47.92
CA VAL A 451 -15.99 -5.04 49.18
C VAL A 451 -15.81 -4.07 50.36
N GLY A 452 -16.44 -2.92 50.26
CA GLY A 452 -16.30 -2.00 51.34
C GLY A 452 -14.85 -1.61 51.51
N PHE A 453 -14.06 -1.74 50.46
CA PHE A 453 -12.68 -1.29 50.52
C PHE A 453 -12.75 0.21 50.20
N TRP A 454 -13.93 0.60 49.74
CA TRP A 454 -14.28 1.95 49.40
C TRP A 454 -15.76 2.13 49.56
N GLN A 455 -16.20 3.29 49.91
CA GLN A 455 -17.62 3.38 50.03
C GLN A 455 -18.00 4.74 49.42
N ASN A 456 -17.65 5.01 48.13
CA ASN A 456 -18.05 6.22 47.36
C ASN A 456 -17.00 6.64 46.28
N LEU A 457 -17.56 6.87 45.17
CA LEU A 457 -16.83 7.31 43.98
C LEU A 457 -16.49 8.78 44.04
N ASP A 458 -16.37 9.47 45.18
CA ASP A 458 -15.95 10.87 45.17
C ASP A 458 -14.60 10.83 45.85
N GLU A 459 -14.40 9.67 46.44
CA GLU A 459 -13.21 9.39 47.16
C GLU A 459 -12.09 9.48 46.17
N LEU A 460 -12.17 8.52 45.32
CA LEU A 460 -11.27 8.29 44.25
C LEU A 460 -11.42 9.51 43.33
N GLN A 461 -12.61 10.08 43.37
CA GLN A 461 -12.91 11.26 42.57
C GLN A 461 -11.78 12.26 42.29
N GLU A 462 -10.80 12.42 43.20
CA GLU A 462 -9.73 13.43 43.05
C GLU A 462 -8.63 13.14 42.07
N LYS A 463 -8.74 11.97 41.47
CA LYS A 463 -7.74 11.53 40.51
C LYS A 463 -7.96 12.24 39.15
N ALA A 464 -9.23 12.51 38.83
CA ALA A 464 -9.57 13.16 37.60
C ALA A 464 -9.07 14.58 37.50
N VAL A 465 -7.81 14.65 37.16
CA VAL A 465 -7.12 15.88 36.96
C VAL A 465 -6.68 16.00 35.57
N ILE A 466 -7.20 16.85 34.74
CA ILE A 466 -6.64 16.73 33.42
C ILE A 466 -5.24 17.39 33.41
N GLU A 467 -4.28 16.68 32.82
CA GLU A 467 -2.93 17.14 32.78
C GLU A 467 -2.67 17.91 31.50
N ARG A 468 -3.14 17.43 30.40
CA ARG A 468 -2.85 18.22 29.22
C ARG A 468 -4.10 18.41 28.39
N GLU A 469 -4.24 19.67 27.95
CA GLU A 469 -5.33 20.07 27.11
C GLU A 469 -4.86 20.60 25.74
N PHE A 470 -5.28 19.86 24.70
CA PHE A 470 -5.03 20.16 23.32
C PHE A 470 -6.17 20.96 22.66
N ARG A 471 -5.77 22.07 22.10
CA ARG A 471 -6.68 22.91 21.39
C ARG A 471 -6.18 22.97 19.98
N PRO A 472 -7.16 22.88 19.06
CA PRO A 472 -7.10 22.89 17.60
C PRO A 472 -6.37 24.03 17.02
N GLY A 473 -5.46 23.78 16.12
CA GLY A 473 -4.70 24.89 15.56
C GLY A 473 -4.84 25.06 14.06
N ILE A 474 -5.71 24.26 13.54
CA ILE A 474 -6.00 24.23 12.12
C ILE A 474 -7.32 24.94 11.81
N GLU A 475 -7.34 25.48 10.61
CA GLU A 475 -8.50 26.16 10.13
C GLU A 475 -9.54 25.15 9.68
N THR A 476 -10.75 25.63 9.74
CA THR A 476 -11.89 24.87 9.42
C THR A 476 -11.75 24.25 8.07
N THR A 477 -11.19 24.98 7.13
CA THR A 477 -11.03 24.42 5.77
C THR A 477 -10.17 23.20 5.72
N GLU A 478 -8.93 23.47 6.08
CA GLU A 478 -7.88 22.52 6.17
C GLU A 478 -8.51 21.22 6.57
N ARG A 479 -9.19 21.36 7.73
CA ARG A 479 -9.97 20.33 8.40
C ARG A 479 -10.79 19.50 7.44
N ASN A 480 -11.68 20.14 6.72
CA ASN A 480 -12.56 19.35 5.90
C ASN A 480 -11.92 18.87 4.64
N TYR A 481 -10.96 19.60 4.27
CA TYR A 481 -10.27 19.21 3.15
C TYR A 481 -9.73 17.80 3.35
N ARG A 482 -9.03 17.62 4.45
CA ARG A 482 -8.48 16.32 4.82
C ARG A 482 -9.48 15.21 4.98
N TYR A 483 -10.47 15.52 5.79
CA TYR A 483 -11.49 14.59 6.01
C TYR A 483 -11.98 14.09 4.67
N ALA A 484 -12.13 15.03 3.77
CA ALA A 484 -12.61 14.61 2.53
C ALA A 484 -11.79 13.50 1.93
N GLY A 485 -10.51 13.75 1.76
CA GLY A 485 -9.69 12.68 1.17
C GLY A 485 -9.90 11.37 1.85
N TRP A 486 -9.91 11.49 3.17
CA TRP A 486 -10.09 10.36 4.03
C TRP A 486 -11.24 9.53 3.54
N LYS A 487 -12.42 10.17 3.55
CA LYS A 487 -13.63 9.47 3.13
C LYS A 487 -13.46 8.91 1.75
N LYS A 488 -12.88 9.74 0.90
CA LYS A 488 -12.55 9.23 -0.39
C LYS A 488 -11.76 7.89 -0.26
N ALA A 489 -10.75 7.93 0.61
CA ALA A 489 -9.93 6.80 0.80
C ALA A 489 -10.74 5.60 1.18
N VAL A 490 -11.53 5.78 2.25
CA VAL A 490 -12.32 4.68 2.80
C VAL A 490 -13.13 3.94 1.78
N LYS A 491 -13.95 4.75 1.09
CA LYS A 491 -14.81 4.26 0.05
C LYS A 491 -14.07 3.21 -0.69
N ARG A 492 -12.92 3.64 -1.23
CA ARG A 492 -12.09 2.75 -2.02
C ARG A 492 -11.57 1.50 -1.35
N ALA A 493 -11.78 1.33 -0.05
CA ALA A 493 -11.24 0.13 0.63
C ALA A 493 -12.23 -0.94 1.03
N MET A 494 -13.46 -0.44 1.04
CA MET A 494 -14.58 -1.27 1.35
C MET A 494 -14.74 -2.30 0.28
N ALA A 495 -15.32 -3.41 0.75
CA ALA A 495 -15.64 -4.48 -0.12
C ALA A 495 -14.53 -4.95 -0.92
N TRP A 496 -13.44 -5.20 -0.28
CA TRP A 496 -12.34 -5.73 -1.04
C TRP A 496 -12.54 -7.21 -1.25
N GLU A 497 -12.76 -7.85 -0.10
CA GLU A 497 -12.97 -9.23 -0.01
C GLU A 497 -14.20 -9.71 -0.75
N GLU A 498 -13.90 -10.75 -1.48
CA GLU A 498 -14.81 -11.47 -2.36
C GLU A 498 -15.64 -12.43 -1.57
N HIS A 499 -16.95 -12.23 -1.57
CA HIS A 499 -17.80 -13.12 -0.81
C HIS A 499 -18.86 -13.85 -1.63
N GLU B 2 42.02 -3.31 -40.49
CA GLU B 2 42.59 -2.30 -39.59
C GLU B 2 41.55 -1.94 -38.54
N LYS B 3 40.41 -1.42 -39.09
CA LYS B 3 39.23 -1.01 -38.32
C LYS B 3 38.35 -2.22 -38.02
N LYS B 4 38.71 -2.78 -36.90
CA LYS B 4 38.14 -3.95 -36.39
C LYS B 4 36.89 -3.71 -35.55
N TYR B 5 36.58 -2.49 -35.16
CA TYR B 5 35.37 -2.41 -34.37
C TYR B 5 34.36 -1.40 -34.69
N ILE B 6 33.39 -1.37 -33.77
CA ILE B 6 32.22 -0.51 -33.83
C ILE B 6 31.84 -0.07 -32.42
N VAL B 7 31.18 1.06 -32.37
CA VAL B 7 30.78 1.68 -31.13
C VAL B 7 29.31 2.03 -31.01
N ALA B 8 28.70 1.58 -29.90
CA ALA B 8 27.32 1.86 -29.56
C ALA B 8 27.26 2.87 -28.43
N LEU B 9 26.61 3.99 -28.70
CA LEU B 9 26.44 5.05 -27.74
C LEU B 9 25.05 4.99 -27.20
N ASP B 10 24.98 4.85 -25.89
CA ASP B 10 23.73 4.71 -25.17
C ASP B 10 23.39 5.82 -24.20
N GLN B 11 22.49 6.72 -24.59
CA GLN B 11 22.05 7.78 -23.71
C GLN B 11 20.78 7.35 -23.02
N GLY B 12 20.96 6.86 -21.80
CA GLY B 12 19.88 6.33 -21.01
C GLY B 12 19.23 7.35 -20.13
N THR B 13 18.08 6.97 -19.55
CA THR B 13 17.26 7.82 -18.66
C THR B 13 18.00 8.28 -17.41
N THR B 14 18.91 7.41 -16.91
CA THR B 14 19.68 7.61 -15.69
C THR B 14 21.18 7.57 -15.80
N SER B 15 21.72 7.60 -17.02
CA SER B 15 23.17 7.54 -17.28
C SER B 15 23.53 7.43 -18.73
N SER B 16 24.78 7.63 -19.05
CA SER B 16 25.20 7.45 -20.45
C SER B 16 26.20 6.27 -20.57
N ARG B 17 26.07 5.52 -21.64
CA ARG B 17 26.97 4.39 -21.83
C ARG B 17 27.61 4.31 -23.20
N ALA B 18 28.70 3.60 -23.22
CA ALA B 18 29.43 3.46 -24.45
C ALA B 18 29.87 2.01 -24.59
N VAL B 19 29.62 1.44 -25.73
CA VAL B 19 29.94 0.06 -25.84
C VAL B 19 30.71 -0.30 -27.07
N VAL B 20 31.68 -1.25 -26.93
CA VAL B 20 32.50 -1.68 -28.07
C VAL B 20 32.48 -3.11 -28.48
N MET B 21 32.27 -3.37 -29.75
CA MET B 21 32.24 -4.74 -30.18
C MET B 21 33.22 -5.09 -31.26
N ASP B 22 33.37 -6.37 -31.34
CA ASP B 22 34.24 -6.96 -32.26
C ASP B 22 33.39 -7.28 -33.47
N HIS B 23 34.02 -7.95 -34.42
CA HIS B 23 33.32 -8.35 -35.57
C HIS B 23 32.38 -9.45 -35.26
N ASP B 24 32.73 -10.21 -34.26
CA ASP B 24 31.84 -11.31 -33.94
C ASP B 24 30.78 -10.75 -32.98
N ALA B 25 30.85 -9.43 -32.84
CA ALA B 25 29.90 -8.73 -32.03
C ALA B 25 30.05 -9.04 -30.61
N ASN B 26 31.29 -9.15 -30.18
CA ASN B 26 31.51 -9.45 -28.80
C ASN B 26 31.70 -8.16 -28.13
N ILE B 27 31.35 -8.13 -26.88
CA ILE B 27 31.45 -6.91 -26.15
C ILE B 27 32.86 -6.76 -25.62
N ILE B 28 33.63 -5.98 -26.37
CA ILE B 28 35.00 -5.68 -26.09
C ILE B 28 35.13 -4.84 -24.83
N SER B 29 34.26 -3.84 -24.66
CA SER B 29 34.34 -3.00 -23.47
C SER B 29 33.16 -2.05 -23.24
N VAL B 30 33.02 -1.67 -22.00
CA VAL B 30 31.94 -0.80 -21.62
C VAL B 30 32.25 0.41 -20.81
N SER B 31 31.71 1.56 -21.12
CA SER B 31 32.00 2.63 -20.19
C SER B 31 30.69 3.19 -19.72
N GLN B 32 30.67 3.93 -18.59
CA GLN B 32 29.37 4.41 -18.14
C GLN B 32 29.27 5.37 -16.96
N ARG B 33 28.92 6.64 -17.15
CA ARG B 33 28.77 7.53 -16.00
C ARG B 33 27.29 7.72 -15.84
N GLU B 34 26.88 7.95 -14.63
CA GLU B 34 25.50 8.19 -14.29
C GLU B 34 25.32 9.71 -14.29
N PHE B 35 24.10 10.26 -14.39
CA PHE B 35 23.91 11.75 -14.34
C PHE B 35 22.64 12.11 -13.53
N GLU B 36 22.64 13.32 -12.95
CA GLU B 36 21.56 13.79 -12.09
C GLU B 36 20.15 13.87 -12.66
N GLN B 37 19.24 13.38 -11.82
CA GLN B 37 17.83 13.38 -12.05
C GLN B 37 17.25 14.60 -11.39
N ILE B 38 16.51 15.37 -12.19
CA ILE B 38 15.90 16.62 -11.69
C ILE B 38 14.39 16.62 -11.63
N TYR B 39 13.97 16.70 -10.40
CA TYR B 39 12.59 16.74 -10.12
C TYR B 39 12.43 18.12 -9.58
N PRO B 40 12.20 19.06 -10.53
CA PRO B 40 12.01 20.46 -10.19
C PRO B 40 10.88 20.54 -9.15
N LYS B 41 9.89 19.66 -9.33
CA LYS B 41 8.79 19.64 -8.45
C LYS B 41 8.10 18.38 -8.77
N PRO B 42 7.22 18.00 -7.90
CA PRO B 42 6.43 16.79 -8.07
C PRO B 42 5.85 16.52 -9.46
N GLY B 43 6.23 15.40 -10.07
CA GLY B 43 5.70 15.01 -11.36
C GLY B 43 6.55 15.47 -12.51
N TRP B 44 7.53 16.25 -12.10
CA TRP B 44 8.50 16.88 -12.99
C TRP B 44 9.88 16.33 -12.97
N VAL B 45 10.36 16.14 -14.16
CA VAL B 45 11.64 15.59 -14.41
C VAL B 45 12.46 16.30 -15.42
N GLU B 46 13.71 16.53 -15.06
CA GLU B 46 14.60 17.16 -15.99
C GLU B 46 15.98 16.66 -15.91
N HIS B 47 16.70 16.91 -16.98
CA HIS B 47 18.09 16.57 -17.12
C HIS B 47 18.90 17.76 -17.56
N ASP B 48 20.20 17.68 -17.32
CA ASP B 48 21.05 18.75 -17.80
C ASP B 48 21.67 18.39 -19.12
N PRO B 49 21.07 18.91 -20.22
CA PRO B 49 21.51 18.61 -21.59
C PRO B 49 23.03 18.56 -21.64
N MET B 50 23.61 19.39 -20.85
CA MET B 50 25.00 19.38 -20.77
C MET B 50 25.52 18.16 -20.04
N GLU B 51 24.97 17.91 -18.82
CA GLU B 51 25.38 16.76 -18.03
C GLU B 51 25.25 15.53 -18.89
N ILE B 52 24.10 15.44 -19.51
CA ILE B 52 23.82 14.38 -20.40
C ILE B 52 24.96 14.19 -21.36
N TRP B 53 25.33 15.33 -21.97
CA TRP B 53 26.39 15.36 -22.96
C TRP B 53 27.72 14.93 -22.35
N ALA B 54 28.24 15.76 -21.48
CA ALA B 54 29.47 15.40 -20.80
C ALA B 54 29.59 13.87 -20.61
N THR B 55 28.73 13.32 -19.76
CA THR B 55 28.73 11.90 -19.51
C THR B 55 29.12 11.10 -20.74
N GLN B 56 28.11 11.06 -21.63
CA GLN B 56 28.12 10.36 -22.90
C GLN B 56 29.44 10.41 -23.59
N SER B 57 30.10 11.55 -23.53
CA SER B 57 31.41 11.71 -24.12
C SER B 57 32.46 11.02 -23.28
N TRP B 58 32.40 11.28 -22.01
CA TRP B 58 33.33 10.63 -21.15
C TRP B 58 33.41 9.21 -21.52
N THR B 59 32.19 8.68 -21.47
CA THR B 59 31.85 7.33 -21.79
C THR B 59 32.73 6.98 -22.94
N LEU B 60 32.29 7.48 -24.10
CA LEU B 60 32.93 7.36 -25.41
C LEU B 60 34.40 7.10 -25.39
N VAL B 61 35.11 7.99 -24.73
CA VAL B 61 36.54 7.92 -24.58
C VAL B 61 37.07 6.80 -23.69
N GLU B 62 36.83 6.83 -22.40
CA GLU B 62 37.38 5.72 -21.66
C GLU B 62 37.20 4.46 -22.47
N VAL B 63 35.96 4.12 -22.89
CA VAL B 63 35.87 2.90 -23.68
C VAL B 63 37.18 2.67 -24.40
N LEU B 64 37.43 3.63 -25.30
CA LEU B 64 38.55 3.80 -26.19
C LEU B 64 39.84 3.48 -25.51
N ALA B 65 40.20 4.37 -24.66
CA ALA B 65 41.40 4.23 -23.94
C ALA B 65 41.44 2.95 -23.19
N LYS B 66 40.53 2.86 -22.23
CA LYS B 66 40.55 1.71 -21.34
C LYS B 66 40.66 0.35 -22.01
N ALA B 67 40.64 0.23 -23.32
CA ALA B 67 40.82 -1.08 -23.93
C ALA B 67 41.99 -1.06 -24.90
N ASP B 68 42.43 0.18 -25.08
CA ASP B 68 43.53 0.69 -25.89
C ASP B 68 43.34 0.55 -27.40
N ILE B 69 42.12 0.89 -27.85
CA ILE B 69 41.73 0.94 -29.24
C ILE B 69 42.00 2.37 -29.72
N SER B 70 42.23 2.54 -31.00
CA SER B 70 42.46 3.86 -31.49
C SER B 70 41.42 4.16 -32.53
N SER B 71 41.08 5.42 -32.65
CA SER B 71 40.09 5.92 -33.58
C SER B 71 40.20 5.28 -34.96
N ASP B 72 41.42 4.82 -35.24
CA ASP B 72 41.79 4.19 -36.51
C ASP B 72 41.30 2.79 -36.71
N GLN B 73 40.66 2.21 -35.69
CA GLN B 73 40.20 0.85 -35.78
C GLN B 73 38.72 0.62 -35.60
N ILE B 74 37.91 1.62 -35.40
CA ILE B 74 36.52 1.27 -35.29
C ILE B 74 35.78 1.87 -36.46
N ALA B 75 34.98 1.03 -37.08
CA ALA B 75 34.17 1.43 -38.21
C ALA B 75 33.43 2.64 -37.81
N ALA B 76 32.14 2.41 -37.62
CA ALA B 76 31.18 3.41 -37.24
C ALA B 76 30.80 3.45 -35.75
N ILE B 77 29.76 4.26 -35.56
CA ILE B 77 29.09 4.53 -34.33
C ILE B 77 27.61 4.31 -34.46
N GLY B 78 27.04 3.75 -33.43
CA GLY B 78 25.63 3.52 -33.36
C GLY B 78 25.10 4.45 -32.29
N ILE B 79 23.84 4.75 -32.31
CA ILE B 79 23.35 5.64 -31.27
C ILE B 79 21.94 5.34 -30.81
N THR B 80 21.76 5.27 -29.46
CA THR B 80 20.46 5.01 -28.83
C THR B 80 20.19 5.86 -27.61
N ASN B 81 18.90 6.10 -27.36
CA ASN B 81 18.61 7.04 -26.32
C ASN B 81 17.25 6.92 -25.71
N GLN B 82 17.06 7.76 -24.68
CA GLN B 82 15.75 7.84 -24.04
C GLN B 82 14.80 8.45 -25.02
N ARG B 83 13.57 7.97 -25.04
CA ARG B 83 12.75 8.45 -26.11
C ARG B 83 11.84 9.66 -26.14
N GLU B 84 11.32 10.27 -25.10
CA GLU B 84 10.46 11.42 -25.48
C GLU B 84 11.12 12.73 -25.17
N THR B 85 11.91 12.64 -24.10
CA THR B 85 12.75 13.67 -23.55
C THR B 85 13.14 14.65 -24.65
N THR B 86 12.78 15.92 -24.41
CA THR B 86 12.98 17.05 -25.32
C THR B 86 14.05 18.08 -25.01
N ILE B 87 14.68 18.57 -26.07
CA ILE B 87 15.65 19.64 -25.93
C ILE B 87 15.43 20.75 -26.98
N VAL B 88 15.88 21.97 -26.62
CA VAL B 88 15.81 23.15 -27.48
C VAL B 88 16.97 24.07 -27.14
N TRP B 89 17.75 24.38 -28.13
CA TRP B 89 18.85 25.19 -27.77
C TRP B 89 19.19 26.27 -28.74
N GLU B 90 19.96 27.21 -28.26
CA GLU B 90 20.46 28.23 -29.11
C GLU B 90 21.41 27.65 -30.05
N LYS B 91 21.17 27.91 -31.31
CA LYS B 91 22.08 27.37 -32.25
C LYS B 91 23.38 28.15 -32.17
N GLU B 92 23.44 29.26 -32.88
CA GLU B 92 24.67 30.00 -32.81
C GLU B 92 25.41 29.64 -31.51
N THR B 93 24.80 29.96 -30.34
CA THR B 93 25.40 29.72 -29.03
C THR B 93 25.74 28.28 -28.78
N GLY B 94 24.86 27.42 -29.25
CA GLY B 94 25.01 26.00 -29.10
C GLY B 94 24.69 25.62 -27.66
N LYS B 95 23.70 26.35 -27.10
CA LYS B 95 23.29 26.14 -25.73
C LYS B 95 21.79 26.03 -25.59
N PRO B 96 21.42 25.23 -24.63
CA PRO B 96 20.05 24.92 -24.37
C PRO B 96 19.45 26.09 -23.65
N ILE B 97 18.20 26.32 -23.96
CA ILE B 97 17.49 27.43 -23.43
C ILE B 97 16.48 26.96 -22.40
N TYR B 98 16.78 25.78 -21.92
CA TYR B 98 16.00 25.07 -20.93
C TYR B 98 16.41 23.58 -20.88
N ASN B 99 16.62 23.12 -19.65
CA ASN B 99 16.96 21.75 -19.33
C ASN B 99 16.13 20.73 -20.14
N ALA B 100 16.72 19.59 -20.41
CA ALA B 100 15.96 18.60 -21.14
C ALA B 100 14.68 18.18 -20.39
N ILE B 101 13.57 18.10 -21.06
CA ILE B 101 12.45 17.62 -20.27
C ILE B 101 12.21 16.12 -20.58
N VAL B 102 12.37 15.27 -19.54
CA VAL B 102 12.18 13.83 -19.71
C VAL B 102 10.77 13.27 -20.02
N TRP B 103 10.76 12.21 -20.85
CA TRP B 103 9.50 11.55 -21.17
C TRP B 103 8.65 11.30 -19.96
N GLN B 104 9.40 11.13 -18.88
CA GLN B 104 8.93 10.91 -17.55
C GLN B 104 8.05 11.97 -16.98
N CYS B 105 8.58 13.17 -17.23
CA CYS B 105 7.98 14.40 -16.73
C CYS B 105 6.46 14.55 -16.98
N ARG B 106 5.75 15.13 -16.02
CA ARG B 106 4.33 15.22 -16.26
C ARG B 106 3.77 16.60 -16.39
N ARG B 107 4.65 17.61 -16.40
CA ARG B 107 4.18 19.00 -16.38
C ARG B 107 3.12 19.38 -17.43
N THR B 108 3.24 18.91 -18.70
CA THR B 108 2.38 19.06 -19.91
C THR B 108 0.99 18.37 -19.82
N ALA B 109 0.39 18.46 -18.67
CA ALA B 109 -0.90 17.83 -18.41
C ALA B 109 -2.07 18.77 -18.82
N GLU B 110 -1.94 20.01 -18.32
CA GLU B 110 -2.88 21.09 -18.62
C GLU B 110 -3.27 21.04 -20.07
N ILE B 111 -2.27 21.45 -20.87
CA ILE B 111 -2.25 21.45 -22.32
C ILE B 111 -3.04 20.26 -22.86
N CYS B 112 -2.49 19.10 -22.46
CA CYS B 112 -3.03 17.80 -22.85
C CYS B 112 -4.53 17.83 -22.72
N GLU B 113 -4.94 18.41 -21.60
CA GLU B 113 -6.33 18.49 -21.36
C GLU B 113 -7.00 19.29 -22.45
N HIS B 114 -6.52 20.49 -22.74
CA HIS B 114 -7.13 21.29 -23.76
C HIS B 114 -7.31 20.46 -25.00
N LEU B 115 -6.20 20.09 -25.59
CA LEU B 115 -6.24 19.27 -26.74
C LEU B 115 -7.32 18.26 -26.75
N LYS B 116 -7.45 17.61 -25.65
CA LYS B 116 -8.42 16.56 -25.53
C LYS B 116 -9.74 17.05 -25.97
N ARG B 117 -10.13 18.18 -25.33
CA ARG B 117 -11.38 18.87 -25.62
C ARG B 117 -11.72 18.94 -27.11
N ASP B 118 -10.90 19.77 -27.76
CA ASP B 118 -10.94 20.08 -29.16
C ASP B 118 -10.89 18.89 -30.10
N GLY B 119 -11.67 17.83 -29.83
CA GLY B 119 -11.76 16.59 -30.63
C GLY B 119 -10.60 16.20 -31.58
N LEU B 120 -9.36 16.10 -31.03
CA LEU B 120 -8.16 15.72 -31.77
C LEU B 120 -7.72 14.29 -31.51
N GLU B 121 -8.24 13.67 -30.52
CA GLU B 121 -7.73 12.36 -30.33
C GLU B 121 -7.48 11.61 -31.60
N ASP B 122 -8.53 11.56 -32.39
CA ASP B 122 -8.49 10.81 -33.60
C ASP B 122 -7.57 11.24 -34.67
N TYR B 123 -7.26 12.50 -34.73
CA TYR B 123 -6.31 12.88 -35.73
C TYR B 123 -4.96 12.30 -35.29
N ILE B 124 -4.75 12.41 -33.96
CA ILE B 124 -3.56 11.93 -33.32
C ILE B 124 -3.40 10.46 -33.41
N ARG B 125 -4.38 9.82 -32.84
CA ARG B 125 -4.25 8.41 -32.84
C ARG B 125 -3.99 7.98 -34.28
N SER B 126 -4.74 8.57 -35.19
CA SER B 126 -4.72 8.25 -36.63
C SER B 126 -3.48 8.66 -37.41
N ASN B 127 -2.94 9.81 -37.07
CA ASN B 127 -1.81 10.25 -37.81
C ASN B 127 -0.51 10.09 -37.06
N THR B 128 -0.57 9.94 -35.72
CA THR B 128 0.67 9.78 -34.95
C THR B 128 0.84 8.39 -34.37
N GLY B 129 -0.30 7.68 -34.33
CA GLY B 129 -0.32 6.32 -33.85
C GLY B 129 -0.14 6.43 -32.39
N LEU B 130 -0.31 7.66 -31.92
CA LEU B 130 -0.15 7.96 -30.54
C LEU B 130 -1.50 8.12 -29.80
N VAL B 131 -1.51 9.05 -28.82
CA VAL B 131 -2.61 9.29 -27.89
C VAL B 131 -2.34 10.60 -27.20
N ILE B 132 -3.32 11.18 -26.49
CA ILE B 132 -2.96 12.40 -25.76
C ILE B 132 -2.29 12.08 -24.40
N ASP B 133 -1.07 12.55 -24.20
CA ASP B 133 -0.45 12.32 -22.91
C ASP B 133 0.87 13.06 -22.83
N PRO B 134 1.18 13.56 -21.60
CA PRO B 134 2.40 14.34 -21.39
C PRO B 134 3.63 13.56 -21.84
N TYR B 135 3.45 12.28 -22.04
CA TYR B 135 4.57 11.44 -22.47
C TYR B 135 5.38 12.03 -23.64
N PHE B 136 4.67 12.13 -24.76
CA PHE B 136 5.22 12.63 -25.97
C PHE B 136 5.53 14.08 -25.91
N SER B 137 6.66 14.41 -26.52
CA SER B 137 7.21 15.76 -26.57
C SER B 137 6.33 16.83 -27.21
N GLY B 138 5.40 16.47 -28.07
CA GLY B 138 4.61 17.53 -28.60
C GLY B 138 4.49 18.69 -27.60
N THR B 139 3.70 18.40 -26.63
CA THR B 139 3.43 19.37 -25.64
C THR B 139 4.65 19.83 -24.91
N LYS B 140 5.58 18.93 -24.76
CA LYS B 140 6.81 19.30 -24.08
C LYS B 140 7.33 20.54 -24.68
N VAL B 141 7.59 20.40 -25.99
CA VAL B 141 8.07 21.51 -26.81
C VAL B 141 7.23 22.76 -26.53
N LYS B 142 5.93 22.59 -26.68
CA LYS B 142 5.08 23.73 -26.43
C LYS B 142 5.44 24.33 -25.09
N TRP B 143 5.28 23.51 -24.09
CA TRP B 143 5.60 24.02 -22.78
C TRP B 143 6.79 24.91 -22.80
N ILE B 144 7.83 24.50 -23.46
CA ILE B 144 8.95 25.40 -23.48
C ILE B 144 8.68 26.70 -24.15
N LEU B 145 8.27 26.57 -25.40
CA LEU B 145 7.97 27.76 -26.15
C LEU B 145 7.31 28.82 -25.37
N ASP B 146 6.12 28.47 -24.95
CA ASP B 146 5.42 29.50 -24.31
C ASP B 146 6.01 29.86 -22.96
N HIS B 147 7.09 29.21 -22.57
CA HIS B 147 7.59 29.52 -21.27
C HIS B 147 8.80 30.40 -21.32
N VAL B 148 9.35 30.40 -22.48
CA VAL B 148 10.51 31.22 -22.81
C VAL B 148 10.04 32.44 -23.66
N GLU B 149 10.71 33.58 -23.44
CA GLU B 149 10.42 34.87 -24.04
C GLU B 149 10.48 35.02 -25.54
N GLY B 150 11.64 35.44 -26.02
CA GLY B 150 11.72 35.57 -27.46
C GLY B 150 11.09 34.32 -28.02
N SER B 151 11.81 33.23 -27.70
CA SER B 151 11.48 31.87 -28.01
C SER B 151 10.89 31.73 -29.41
N ARG B 152 9.55 31.74 -29.46
CA ARG B 152 8.86 31.56 -30.71
C ARG B 152 9.42 32.39 -31.84
N GLU B 153 10.04 33.55 -31.53
CA GLU B 153 10.63 34.35 -32.61
C GLU B 153 11.80 33.64 -33.23
N ARG B 154 12.82 33.61 -32.39
CA ARG B 154 14.10 33.06 -32.66
C ARG B 154 13.84 31.79 -33.37
N ALA B 155 13.07 30.96 -32.68
CA ALA B 155 12.68 29.68 -33.23
C ALA B 155 12.24 29.77 -34.69
N ARG B 156 11.30 30.68 -34.88
CA ARG B 156 10.69 31.04 -36.13
C ARG B 156 11.73 31.53 -37.12
N ARG B 157 12.67 32.28 -36.58
CA ARG B 157 13.73 32.81 -37.43
C ARG B 157 14.91 31.85 -37.48
N GLY B 158 14.55 30.55 -37.43
CA GLY B 158 15.48 29.46 -37.47
C GLY B 158 16.61 29.61 -36.47
N GLU B 159 16.48 30.59 -35.55
CA GLU B 159 17.43 30.94 -34.45
C GLU B 159 17.65 29.81 -33.38
N LEU B 160 16.51 29.20 -32.95
CA LEU B 160 16.35 28.10 -31.97
C LEU B 160 16.12 26.75 -32.60
N LEU B 161 16.88 25.79 -32.05
CA LEU B 161 16.89 24.38 -32.45
C LEU B 161 16.21 23.42 -31.47
N PHE B 162 15.49 22.49 -32.04
CA PHE B 162 14.89 21.54 -31.15
C PHE B 162 15.43 20.15 -31.47
N GLY B 163 15.57 19.32 -30.44
CA GLY B 163 16.04 17.99 -30.62
C GLY B 163 15.50 17.01 -29.61
N THR B 164 15.89 15.80 -29.90
CA THR B 164 15.63 14.65 -29.09
C THR B 164 17.01 14.23 -28.75
N VAL B 165 17.17 13.45 -27.73
CA VAL B 165 18.49 13.06 -27.31
C VAL B 165 19.32 12.89 -28.53
N ASP B 166 19.14 11.80 -29.29
CA ASP B 166 19.90 11.63 -30.54
C ASP B 166 20.20 12.99 -31.19
N THR B 167 19.17 13.60 -31.77
CA THR B 167 19.31 14.89 -32.36
C THR B 167 20.43 15.69 -31.71
N TRP B 168 20.19 15.97 -30.45
CA TRP B 168 21.07 16.73 -29.67
C TRP B 168 22.46 16.16 -29.64
N LEU B 169 22.55 14.87 -29.77
CA LEU B 169 23.87 14.27 -29.72
C LEU B 169 24.65 14.56 -30.94
N ILE B 170 24.06 14.18 -32.03
CA ILE B 170 24.65 14.41 -33.33
C ILE B 170 25.16 15.88 -33.43
N TRP B 171 24.27 16.80 -33.18
CA TRP B 171 24.67 18.16 -33.21
C TRP B 171 26.11 18.28 -32.70
N LYS B 172 26.31 18.00 -31.43
CA LYS B 172 27.63 18.05 -30.81
C LYS B 172 28.70 17.21 -31.52
N MET B 173 28.46 15.89 -31.77
CA MET B 173 29.43 15.05 -32.48
C MET B 173 30.18 15.79 -33.62
N THR B 174 29.31 16.27 -34.51
CA THR B 174 29.53 17.02 -35.71
C THR B 174 29.53 18.50 -35.43
N GLN B 175 29.96 18.89 -34.29
CA GLN B 175 30.06 20.30 -34.02
C GLN B 175 29.00 21.27 -34.56
N GLY B 176 27.73 20.91 -34.75
CA GLY B 176 26.76 21.87 -35.25
C GLY B 176 26.50 21.65 -36.73
N ARG B 177 27.29 20.78 -37.28
CA ARG B 177 27.19 20.39 -38.67
C ARG B 177 25.88 19.69 -39.06
N VAL B 178 25.36 18.78 -38.21
CA VAL B 178 24.16 18.06 -38.61
C VAL B 178 23.02 18.18 -37.63
N HIS B 179 21.81 18.34 -38.20
CA HIS B 179 20.61 18.43 -37.40
C HIS B 179 19.58 17.51 -37.97
N VAL B 180 19.81 16.22 -37.71
CA VAL B 180 18.97 15.12 -38.17
C VAL B 180 18.44 14.26 -36.97
N THR B 181 17.52 13.35 -37.27
CA THR B 181 16.93 12.42 -36.34
C THR B 181 16.47 11.20 -37.13
N ASP B 182 16.01 10.17 -36.46
CA ASP B 182 15.59 9.07 -37.25
C ASP B 182 14.11 9.00 -37.09
N TYR B 183 13.52 8.00 -37.74
CA TYR B 183 12.08 7.82 -37.74
C TYR B 183 11.48 7.39 -36.46
N THR B 184 12.02 6.29 -35.95
CA THR B 184 11.57 5.71 -34.72
C THR B 184 11.36 6.85 -33.77
N ASN B 185 12.52 7.43 -33.49
CA ASN B 185 12.63 8.56 -32.64
C ASN B 185 11.61 9.63 -33.07
N ALA B 186 11.61 10.01 -34.36
CA ALA B 186 10.69 11.03 -34.84
C ALA B 186 9.34 10.77 -34.30
N SER B 187 8.82 9.65 -34.81
CA SER B 187 7.55 9.14 -34.39
C SER B 187 7.07 9.75 -33.07
N ARG B 188 7.83 9.40 -32.06
CA ARG B 188 7.67 9.70 -30.66
C ARG B 188 7.20 11.05 -30.21
N THR B 189 7.52 12.03 -31.01
CA THR B 189 7.22 13.45 -30.75
C THR B 189 5.75 13.86 -30.70
N MET B 190 4.97 13.19 -31.56
CA MET B 190 3.55 13.45 -31.70
C MET B 190 3.36 14.66 -32.62
N LEU B 191 4.29 14.74 -33.52
CA LEU B 191 4.24 15.74 -34.52
C LEU B 191 4.87 15.17 -35.76
N PHE B 192 4.36 14.03 -36.17
CA PHE B 192 4.98 13.43 -37.27
C PHE B 192 4.05 12.43 -37.85
N ASN B 193 3.54 12.71 -39.08
CA ASN B 193 2.65 11.74 -39.68
C ASN B 193 3.42 10.50 -39.99
N ILE B 194 2.85 9.38 -39.57
CA ILE B 194 3.57 8.15 -39.73
C ILE B 194 3.21 7.23 -40.87
N HIS B 195 2.57 7.76 -41.88
CA HIS B 195 2.34 6.98 -43.06
C HIS B 195 2.60 7.93 -44.13
N THR B 196 3.18 9.00 -43.65
CA THR B 196 3.61 10.08 -44.43
C THR B 196 5.07 10.30 -44.26
N LEU B 197 5.59 9.82 -43.16
CA LEU B 197 7.01 9.98 -42.92
C LEU B 197 7.47 11.40 -42.97
N ASP B 198 6.69 12.24 -42.32
CA ASP B 198 7.10 13.63 -42.22
C ASP B 198 6.30 14.40 -41.16
N TRP B 199 6.88 15.56 -40.75
CA TRP B 199 6.26 16.44 -39.79
C TRP B 199 4.81 16.62 -40.22
N ASP B 200 3.97 17.07 -39.29
CA ASP B 200 2.54 17.21 -39.55
C ASP B 200 2.05 18.57 -39.09
N ASP B 201 1.80 19.43 -40.06
CA ASP B 201 1.40 20.81 -39.90
C ASP B 201 0.27 20.96 -38.91
N LYS B 202 -0.69 20.05 -39.02
CA LYS B 202 -1.80 20.09 -38.12
C LYS B 202 -1.29 20.40 -36.75
N MET B 203 -0.56 19.40 -36.32
CA MET B 203 0.09 19.40 -35.03
C MET B 203 0.98 20.60 -34.88
N LEU B 204 1.93 20.69 -35.82
CA LEU B 204 2.89 21.73 -35.83
C LEU B 204 2.25 23.01 -35.43
N GLU B 205 1.20 23.37 -36.15
CA GLU B 205 0.49 24.59 -35.83
C GLU B 205 -0.36 24.48 -34.58
N VAL B 206 -1.12 23.38 -34.50
CA VAL B 206 -1.96 23.12 -33.35
C VAL B 206 -1.11 23.35 -32.07
N LEU B 207 0.04 22.70 -32.04
CA LEU B 207 0.99 22.84 -30.97
C LEU B 207 1.63 24.21 -31.01
N ASP B 208 1.67 24.78 -32.19
CA ASP B 208 2.24 26.08 -32.38
C ASP B 208 3.76 26.04 -32.24
N ILE B 209 4.35 25.43 -33.24
CA ILE B 209 5.78 25.26 -33.32
C ILE B 209 6.29 25.65 -34.71
N PRO B 210 7.41 26.37 -34.80
CA PRO B 210 7.97 26.75 -36.11
C PRO B 210 8.72 25.61 -36.75
N ARG B 211 8.33 25.24 -37.97
CA ARG B 211 9.02 24.17 -38.65
C ARG B 211 10.55 24.39 -38.71
N GLU B 212 10.97 25.64 -38.44
CA GLU B 212 12.35 26.15 -38.42
C GLU B 212 13.34 25.35 -37.58
N MET B 213 12.91 25.00 -36.38
CA MET B 213 13.79 24.23 -35.50
C MET B 213 13.75 22.73 -35.66
N LEU B 214 12.87 22.23 -36.49
CA LEU B 214 12.78 20.80 -36.70
C LEU B 214 14.01 20.30 -37.44
N PRO B 215 14.27 19.02 -37.27
CA PRO B 215 15.43 18.44 -37.87
C PRO B 215 15.07 17.48 -38.93
N GLU B 216 16.06 17.25 -39.78
CA GLU B 216 15.97 16.33 -40.89
C GLU B 216 15.73 14.91 -40.37
N VAL B 217 14.61 14.32 -40.75
CA VAL B 217 14.28 13.00 -40.31
C VAL B 217 14.88 12.03 -41.30
N ARG B 218 15.75 11.13 -40.82
CA ARG B 218 16.39 10.16 -41.73
C ARG B 218 16.15 8.71 -41.36
N ARG B 219 16.74 7.81 -42.15
CA ARG B 219 16.60 6.40 -41.91
C ARG B 219 17.44 6.02 -40.74
N SER B 220 17.11 4.91 -40.13
CA SER B 220 17.79 4.50 -38.92
C SER B 220 19.18 3.94 -39.23
N SER B 221 19.32 3.24 -40.37
CA SER B 221 20.60 2.68 -40.81
C SER B 221 21.13 3.40 -42.01
N GLU B 222 21.76 4.55 -41.77
CA GLU B 222 22.29 5.40 -42.81
C GLU B 222 23.39 6.30 -42.22
N VAL B 223 24.19 6.88 -43.12
CA VAL B 223 25.31 7.72 -42.75
C VAL B 223 24.90 9.16 -42.71
N TYR B 224 25.03 9.63 -41.49
CA TYR B 224 24.62 10.95 -41.11
C TYR B 224 25.68 12.00 -40.99
N GLY B 225 26.93 11.55 -40.83
CA GLY B 225 28.07 12.47 -40.71
C GLY B 225 29.38 11.87 -40.13
N GLN B 226 30.36 12.77 -39.84
CA GLN B 226 31.64 12.33 -39.33
C GLN B 226 31.97 13.01 -38.03
N THR B 227 32.55 12.25 -37.14
CA THR B 227 32.94 12.80 -35.87
C THR B 227 34.44 12.89 -35.77
N ASN B 228 34.92 14.09 -35.58
CA ASN B 228 36.36 14.13 -35.47
C ASN B 228 36.81 13.93 -34.03
N ILE B 229 36.40 12.81 -33.49
CA ILE B 229 36.78 12.47 -32.15
C ILE B 229 38.29 12.17 -32.23
N GLY B 230 38.65 11.65 -33.42
CA GLY B 230 40.01 11.28 -33.80
C GLY B 230 40.83 10.95 -32.56
N THR B 235 40.90 12.29 -37.63
CA THR B 235 40.41 10.91 -37.61
C THR B 235 38.91 10.82 -37.43
N ARG B 236 38.24 11.29 -38.48
CA ARG B 236 36.80 11.37 -38.65
C ARG B 236 36.05 10.05 -38.68
N ILE B 237 35.21 9.86 -37.62
CA ILE B 237 34.38 8.65 -37.42
C ILE B 237 32.91 8.92 -37.73
N PRO B 238 32.32 7.88 -38.31
CA PRO B 238 30.96 7.88 -38.76
C PRO B 238 29.92 7.61 -37.73
N ILE B 239 28.76 8.06 -38.11
CA ILE B 239 27.58 7.94 -37.36
C ILE B 239 26.56 7.37 -38.29
N SER B 240 26.36 6.07 -38.24
CA SER B 240 25.49 5.43 -39.17
C SER B 240 24.38 4.70 -38.56
N GLY B 241 24.19 4.94 -37.31
CA GLY B 241 23.12 4.23 -36.65
C GLY B 241 22.31 5.20 -35.81
N ILE B 242 20.98 4.93 -35.70
CA ILE B 242 20.04 5.75 -34.93
C ILE B 242 18.64 5.15 -34.78
N ALA B 243 18.34 4.86 -33.50
CA ALA B 243 17.04 4.33 -33.05
C ALA B 243 16.68 4.72 -31.66
N GLY B 244 15.39 4.58 -31.30
CA GLY B 244 14.95 4.84 -29.93
C GLY B 244 15.44 3.66 -29.10
N ASP B 245 15.92 3.85 -27.87
CA ASP B 245 16.41 2.65 -27.27
C ASP B 245 15.43 1.53 -27.43
N GLN B 246 14.19 1.78 -27.38
CA GLN B 246 13.38 0.59 -27.52
C GLN B 246 13.51 -0.05 -28.86
N GLN B 247 13.06 0.61 -29.94
CA GLN B 247 13.23 0.02 -31.29
C GLN B 247 14.60 -0.68 -31.41
N ALA B 248 15.52 0.09 -30.85
CA ALA B 248 16.90 -0.31 -30.68
C ALA B 248 17.02 -1.70 -30.20
N ALA B 249 16.53 -1.86 -28.97
CA ALA B 249 16.53 -3.14 -28.35
C ALA B 249 15.68 -4.11 -29.14
N LEU B 250 14.64 -3.61 -29.78
CA LEU B 250 13.80 -4.50 -30.51
C LEU B 250 14.57 -5.13 -31.68
N PHE B 251 15.40 -4.28 -32.19
CA PHE B 251 16.16 -4.66 -33.30
C PHE B 251 17.17 -5.69 -32.85
N GLY B 252 17.86 -5.37 -31.71
CA GLY B 252 18.91 -6.18 -31.09
C GLY B 252 18.45 -7.58 -30.68
N GLN B 253 17.17 -7.66 -30.56
CA GLN B 253 16.56 -8.89 -30.22
C GLN B 253 16.24 -9.58 -31.47
N LEU B 254 16.66 -8.92 -32.50
CA LEU B 254 16.46 -9.35 -33.85
C LEU B 254 15.02 -9.70 -34.18
N CYS B 255 14.13 -8.90 -33.60
CA CYS B 255 12.72 -8.98 -33.93
C CYS B 255 12.65 -8.07 -35.08
N VAL B 256 12.95 -8.64 -36.20
CA VAL B 256 13.10 -7.76 -37.29
C VAL B 256 12.17 -8.13 -38.42
N LYS B 257 11.01 -8.70 -38.03
CA LYS B 257 9.95 -9.00 -38.99
C LYS B 257 8.63 -9.52 -38.44
N GLU B 258 7.53 -8.85 -38.80
CA GLU B 258 6.13 -9.19 -38.46
C GLU B 258 5.86 -10.32 -37.43
N GLY B 259 5.25 -9.92 -36.25
CA GLY B 259 4.81 -10.79 -35.12
C GLY B 259 5.86 -11.10 -34.01
N MET B 260 7.04 -10.57 -34.22
CA MET B 260 8.11 -10.75 -33.31
C MET B 260 8.06 -9.62 -32.27
N ALA B 261 8.22 -10.01 -31.02
CA ALA B 261 8.15 -9.03 -29.98
C ALA B 261 9.08 -9.26 -28.79
N LYS B 262 9.31 -8.24 -28.07
CA LYS B 262 10.11 -8.45 -26.92
C LYS B 262 9.58 -7.60 -25.84
N ASN B 263 9.76 -8.08 -24.62
CA ASN B 263 9.34 -7.24 -23.55
C ASN B 263 10.63 -6.86 -22.80
N THR B 264 10.66 -5.54 -22.47
CA THR B 264 11.81 -5.05 -21.81
C THR B 264 11.47 -4.55 -20.46
N TYR B 265 12.28 -5.05 -19.55
CA TYR B 265 12.19 -4.79 -18.18
C TYR B 265 13.26 -3.94 -17.62
N GLY B 266 13.10 -2.62 -17.69
CA GLY B 266 14.05 -1.70 -17.11
C GLY B 266 13.30 -0.71 -16.22
N THR B 267 13.69 0.56 -16.25
CA THR B 267 13.06 1.55 -15.39
C THR B 267 11.57 1.52 -15.54
N GLY B 268 11.18 1.14 -16.75
CA GLY B 268 9.83 1.01 -17.15
C GLY B 268 9.79 -0.28 -17.95
N CYS B 269 8.64 -0.51 -18.53
CA CYS B 269 8.40 -1.65 -19.28
C CYS B 269 7.90 -1.30 -20.66
N PHE B 270 8.59 -1.83 -21.68
CA PHE B 270 8.14 -1.63 -23.03
C PHE B 270 8.16 -2.93 -23.81
N MET B 271 6.99 -3.28 -24.31
CA MET B 271 6.86 -4.45 -25.09
C MET B 271 6.42 -4.04 -26.51
N LEU B 272 7.37 -4.19 -27.45
CA LEU B 272 7.10 -3.87 -28.81
C LEU B 272 6.94 -5.17 -29.58
N MET B 273 6.01 -5.10 -30.51
CA MET B 273 5.72 -6.14 -31.44
C MET B 273 5.78 -5.58 -32.80
N ASN B 274 6.61 -6.17 -33.66
CA ASN B 274 6.74 -5.72 -35.06
C ASN B 274 5.53 -6.05 -35.96
N THR B 275 5.09 -5.05 -36.74
CA THR B 275 3.95 -5.22 -37.64
C THR B 275 4.41 -5.14 -39.09
N GLY B 276 5.65 -5.53 -39.27
CA GLY B 276 6.18 -5.48 -40.58
C GLY B 276 6.02 -4.11 -41.18
N GLU B 277 5.57 -4.16 -42.45
CA GLU B 277 5.42 -2.97 -43.26
C GLU B 277 4.13 -2.21 -43.08
N LYS B 278 3.20 -2.76 -42.33
CA LYS B 278 1.94 -2.08 -42.10
C LYS B 278 1.86 -1.48 -40.75
N ALA B 279 1.20 -0.37 -40.70
CA ALA B 279 1.05 0.22 -39.43
C ALA B 279 -0.36 -0.11 -39.02
N VAL B 280 -0.47 -0.86 -37.91
CA VAL B 280 -1.77 -1.26 -37.32
C VAL B 280 -2.28 -0.34 -36.21
N LYS B 281 -3.60 -0.18 -36.21
CA LYS B 281 -4.24 0.68 -35.23
C LYS B 281 -4.70 -0.03 -34.02
N SER B 282 -4.21 0.45 -32.85
CA SER B 282 -4.60 -0.17 -31.59
C SER B 282 -6.02 0.18 -31.17
N GLU B 283 -6.81 -0.83 -30.89
CA GLU B 283 -8.17 -0.50 -30.50
C GLU B 283 -8.27 -0.69 -29.01
N ASN B 284 -7.19 -1.21 -28.50
CA ASN B 284 -7.14 -1.54 -27.14
C ASN B 284 -6.10 -0.77 -26.34
N GLY B 285 -5.90 0.54 -26.61
CA GLY B 285 -4.94 1.27 -25.72
C GLY B 285 -3.41 1.17 -25.90
N LEU B 286 -2.98 0.74 -27.11
CA LEU B 286 -1.54 0.72 -27.36
C LEU B 286 -1.12 1.86 -28.29
N LEU B 287 0.12 1.74 -28.69
CA LEU B 287 0.74 2.69 -29.56
C LEU B 287 1.14 2.04 -30.87
N THR B 288 0.94 2.85 -31.91
CA THR B 288 1.33 2.53 -33.24
C THR B 288 2.62 3.27 -33.47
N THR B 289 3.66 2.52 -33.74
CA THR B 289 4.86 3.28 -33.88
C THR B 289 5.86 2.68 -34.86
N ILE B 290 6.89 3.50 -35.19
CA ILE B 290 7.96 3.22 -36.15
C ILE B 290 9.12 2.44 -35.60
N ALA B 291 9.40 1.39 -36.33
CA ALA B 291 10.52 0.55 -35.99
C ALA B 291 11.51 0.38 -37.15
N CYS B 292 12.37 -0.60 -36.98
CA CYS B 292 13.30 -0.95 -37.98
C CYS B 292 13.02 -2.20 -38.66
N GLY B 293 13.06 -2.07 -39.94
CA GLY B 293 12.98 -3.23 -40.73
C GLY B 293 14.44 -3.68 -40.80
N PRO B 294 14.62 -4.91 -41.24
CA PRO B 294 15.90 -5.54 -41.41
C PRO B 294 17.04 -4.73 -42.03
N THR B 295 16.81 -3.48 -42.45
CA THR B 295 17.95 -2.77 -43.00
C THR B 295 18.15 -1.40 -42.34
N GLY B 296 17.21 -1.00 -41.46
CA GLY B 296 17.32 0.29 -40.77
C GLY B 296 16.22 1.13 -41.40
N GLU B 297 15.41 0.28 -42.03
CA GLU B 297 14.29 0.81 -42.73
C GLU B 297 12.96 0.71 -42.05
N VAL B 298 12.28 1.86 -42.10
CA VAL B 298 10.95 1.95 -41.55
C VAL B 298 10.24 0.56 -41.57
N ASN B 299 9.54 0.37 -40.46
CA ASN B 299 8.76 -0.78 -40.16
C ASN B 299 7.76 -0.29 -39.17
N TYR B 300 6.82 -1.14 -38.86
CA TYR B 300 5.85 -0.67 -37.94
C TYR B 300 5.79 -1.46 -36.73
N ALA B 301 5.24 -0.85 -35.71
CA ALA B 301 5.21 -1.57 -34.47
C ALA B 301 4.09 -1.20 -33.53
N LEU B 302 3.72 -2.28 -32.80
CA LEU B 302 2.74 -2.27 -31.74
C LEU B 302 3.45 -2.11 -30.40
N GLU B 303 3.10 -1.02 -29.73
CA GLU B 303 3.74 -0.71 -28.45
C GLU B 303 2.88 -0.43 -27.21
N GLY B 304 3.21 -1.22 -26.15
CA GLY B 304 2.67 -1.12 -24.79
C GLY B 304 3.74 -0.40 -23.92
N ALA B 305 3.41 0.71 -23.31
CA ALA B 305 4.44 1.37 -22.50
C ALA B 305 3.98 1.30 -21.09
N VAL B 306 4.87 0.94 -20.21
CA VAL B 306 4.51 0.85 -18.80
C VAL B 306 5.44 1.76 -17.99
N PHE B 307 4.88 2.81 -17.35
CA PHE B 307 5.71 3.77 -16.66
C PHE B 307 6.54 3.27 -15.51
N MET B 308 5.94 2.54 -14.55
CA MET B 308 6.75 2.05 -13.44
C MET B 308 6.96 0.55 -13.51
N ALA B 309 8.25 0.12 -13.50
CA ALA B 309 8.67 -1.30 -13.50
C ALA B 309 9.86 -1.48 -12.51
N GLY B 310 11.05 -1.36 -13.10
CA GLY B 310 12.26 -1.46 -12.34
C GLY B 310 12.21 -0.38 -11.27
N ALA B 311 11.62 0.72 -11.61
CA ALA B 311 11.52 1.86 -10.75
C ALA B 311 10.87 1.68 -9.39
N SER B 312 9.96 0.73 -9.35
CA SER B 312 9.26 0.54 -8.11
C SER B 312 10.20 -0.13 -7.14
N ILE B 313 11.05 -0.91 -7.75
CA ILE B 313 12.05 -1.61 -7.04
C ILE B 313 12.96 -0.61 -6.42
N GLN B 314 13.25 0.40 -7.22
CA GLN B 314 14.16 1.45 -6.71
C GLN B 314 13.51 2.19 -5.56
N TRP B 315 12.21 2.33 -5.73
CA TRP B 315 11.42 2.99 -4.74
C TRP B 315 11.56 2.37 -3.39
N LEU B 316 11.33 1.07 -3.49
CA LEU B 316 11.43 0.16 -2.43
C LEU B 316 12.72 0.31 -1.73
N ARG B 317 13.78 0.26 -2.54
CA ARG B 317 15.09 0.36 -1.94
C ARG B 317 15.46 1.73 -1.46
N ASP B 318 15.16 2.72 -2.27
CA ASP B 318 15.54 4.06 -1.90
C ASP B 318 14.60 4.83 -1.02
N GLU B 319 13.30 4.65 -1.14
CA GLU B 319 12.48 5.52 -0.26
C GLU B 319 11.85 4.87 0.99
N MET B 320 11.55 3.55 0.88
CA MET B 320 10.97 2.70 1.92
C MET B 320 12.06 2.01 2.68
N LYS B 321 13.13 1.76 1.97
CA LYS B 321 14.30 1.11 2.49
C LYS B 321 14.01 -0.25 3.03
N LEU B 322 13.21 -1.01 2.33
CA LEU B 322 12.90 -2.38 2.67
C LEU B 322 14.01 -3.31 2.20
N ILE B 323 14.77 -2.83 1.26
CA ILE B 323 15.87 -3.57 0.70
C ILE B 323 17.03 -2.68 0.56
N ASN B 324 18.17 -3.32 0.26
CA ASN B 324 19.39 -2.56 0.06
C ASN B 324 19.83 -2.68 -1.40
N ASP B 325 19.41 -3.77 -2.04
CA ASP B 325 19.74 -4.10 -3.40
C ASP B 325 18.59 -4.41 -4.23
N ALA B 326 18.66 -4.14 -5.55
CA ALA B 326 17.58 -4.63 -6.41
C ALA B 326 17.61 -6.14 -6.24
N TYR B 327 18.85 -6.62 -6.30
CA TYR B 327 19.17 -7.97 -6.11
C TYR B 327 18.36 -8.56 -4.94
N ASP B 328 18.44 -7.91 -3.77
CA ASP B 328 17.82 -8.44 -2.58
C ASP B 328 16.38 -8.94 -2.66
N SER B 329 15.67 -8.29 -3.53
CA SER B 329 14.29 -8.53 -3.72
C SER B 329 13.92 -9.94 -3.93
N GLU B 330 14.65 -10.65 -4.77
CA GLU B 330 14.25 -12.03 -4.99
C GLU B 330 14.32 -12.79 -3.67
N TYR B 331 15.47 -12.74 -2.94
CA TYR B 331 15.65 -13.42 -1.66
C TYR B 331 14.49 -13.24 -0.67
N PHE B 332 14.02 -11.99 -0.56
CA PHE B 332 12.86 -11.70 0.32
C PHE B 332 11.53 -12.20 -0.15
N ALA B 333 11.38 -12.12 -1.46
CA ALA B 333 10.18 -12.51 -2.14
C ALA B 333 9.99 -13.99 -1.94
N THR B 334 11.08 -14.68 -2.08
CA THR B 334 11.09 -16.09 -1.97
C THR B 334 11.05 -16.40 -0.52
N LYS B 335 11.26 -15.35 0.26
CA LYS B 335 11.20 -15.65 1.65
C LYS B 335 9.78 -16.10 2.00
N VAL B 336 8.71 -15.60 1.33
CA VAL B 336 7.32 -15.95 1.59
C VAL B 336 6.77 -16.84 0.52
N GLN B 337 5.66 -17.54 0.77
CA GLN B 337 5.08 -18.43 -0.25
C GLN B 337 4.20 -17.73 -1.25
N ASN B 338 3.60 -16.65 -0.76
CA ASN B 338 2.67 -15.86 -1.53
C ASN B 338 2.56 -14.43 -1.07
N THR B 339 1.84 -13.59 -1.87
CA THR B 339 1.72 -12.19 -1.54
C THR B 339 0.80 -11.97 -0.39
N ASN B 340 0.20 -13.09 0.09
CA ASN B 340 -0.68 -12.98 1.27
C ASN B 340 -1.97 -12.15 1.02
N GLY B 341 -2.38 -12.08 -0.26
CA GLY B 341 -3.55 -11.35 -0.70
C GLY B 341 -3.21 -9.93 -1.19
N VAL B 342 -1.97 -9.47 -0.87
CA VAL B 342 -1.53 -8.12 -1.20
C VAL B 342 -1.35 -7.86 -2.64
N TYR B 343 -1.67 -6.64 -3.06
CA TYR B 343 -1.57 -6.12 -4.40
C TYR B 343 -0.95 -4.71 -4.29
N VAL B 344 0.01 -4.49 -5.16
CA VAL B 344 0.70 -3.21 -5.23
C VAL B 344 0.48 -2.44 -6.55
N VAL B 345 -0.26 -1.30 -6.57
CA VAL B 345 -0.37 -0.68 -7.90
C VAL B 345 0.60 0.47 -8.01
N PRO B 346 1.58 0.20 -8.84
CA PRO B 346 2.70 1.06 -9.15
C PRO B 346 2.36 2.31 -10.01
N ALA B 347 1.30 3.06 -9.68
CA ALA B 347 0.97 4.23 -10.48
C ALA B 347 1.48 5.55 -9.94
N PHE B 348 2.71 5.46 -9.56
CA PHE B 348 3.36 6.59 -9.05
C PHE B 348 3.10 7.84 -9.88
N THR B 349 3.02 7.68 -11.23
CA THR B 349 2.85 8.64 -12.36
C THR B 349 1.60 8.42 -13.14
N GLY B 350 0.54 8.05 -12.50
CA GLY B 350 -0.52 7.70 -13.37
C GLY B 350 -0.16 6.36 -13.97
N LEU B 351 -1.11 5.93 -14.84
CA LEU B 351 -1.11 4.65 -15.48
C LEU B 351 -0.63 4.41 -16.96
N GLY B 352 -1.25 4.96 -17.99
CA GLY B 352 -0.58 4.51 -19.23
C GLY B 352 -0.95 3.06 -19.63
N ALA B 353 -0.03 2.37 -20.32
CA ALA B 353 -0.27 1.01 -20.76
C ALA B 353 -1.57 0.79 -21.32
N PRO B 354 -2.59 0.05 -20.80
CA PRO B 354 -3.70 0.20 -21.72
C PRO B 354 -4.56 1.30 -21.18
N TYR B 355 -4.31 1.49 -19.93
CA TYR B 355 -5.08 2.43 -19.16
C TYR B 355 -5.02 3.82 -19.52
N TRP B 356 -3.85 4.39 -19.53
CA TRP B 356 -3.71 5.82 -19.88
C TRP B 356 -4.54 6.80 -18.97
N ASP B 357 -4.41 6.54 -17.65
CA ASP B 357 -5.07 7.30 -16.60
C ASP B 357 -4.12 8.16 -15.84
N PRO B 358 -3.91 9.36 -16.27
CA PRO B 358 -3.04 10.30 -15.59
C PRO B 358 -3.46 10.66 -14.15
N TYR B 359 -4.66 10.25 -13.75
CA TYR B 359 -5.12 10.51 -12.38
C TYR B 359 -4.91 9.39 -11.37
N ALA B 360 -4.55 8.22 -11.87
CA ALA B 360 -4.17 7.14 -11.02
C ALA B 360 -2.98 7.57 -10.13
N ARG B 361 -2.85 6.94 -8.94
CA ARG B 361 -1.75 7.13 -8.00
C ARG B 361 -1.38 5.79 -7.37
N GLY B 362 -0.14 5.57 -7.00
CA GLY B 362 0.19 4.28 -6.44
C GLY B 362 -0.67 3.84 -5.26
N ALA B 363 -0.88 2.53 -5.14
CA ALA B 363 -1.67 2.02 -4.04
C ALA B 363 -1.35 0.62 -3.55
N ILE B 364 -1.48 0.41 -2.27
CA ILE B 364 -1.28 -0.93 -1.80
C ILE B 364 -2.60 -1.45 -1.38
N PHE B 365 -2.90 -2.73 -1.73
CA PHE B 365 -4.19 -3.29 -1.31
C PHE B 365 -4.14 -4.62 -0.63
N GLY B 366 -5.21 -4.95 0.13
CA GLY B 366 -5.45 -6.26 0.81
C GLY B 366 -4.77 -6.56 2.14
N LEU B 367 -4.36 -5.45 2.79
CA LEU B 367 -3.66 -5.50 4.05
C LEU B 367 -4.50 -6.14 5.14
N THR B 368 -3.72 -6.84 5.91
CA THR B 368 -4.15 -7.67 6.98
C THR B 368 -3.03 -7.73 7.96
N ARG B 369 -3.35 -7.82 9.26
CA ARG B 369 -2.35 -7.81 10.34
C ARG B 369 -1.12 -8.63 10.18
N GLY B 370 -1.26 -9.81 9.64
CA GLY B 370 -0.14 -10.67 9.44
C GLY B 370 0.71 -10.40 8.17
N VAL B 371 0.44 -9.34 7.46
CA VAL B 371 1.21 -9.03 6.27
C VAL B 371 2.50 -8.33 6.68
N ASN B 372 3.64 -8.77 6.09
CA ASN B 372 4.96 -8.16 6.33
C ASN B 372 5.72 -7.62 5.10
N ALA B 373 6.75 -6.82 5.38
CA ALA B 373 7.54 -6.29 4.29
C ALA B 373 7.87 -7.30 3.23
N ASN B 374 8.03 -8.58 3.56
CA ASN B 374 8.40 -9.42 2.45
C ASN B 374 7.28 -9.51 1.52
N HIS B 375 6.12 -9.76 2.09
CA HIS B 375 4.95 -9.76 1.28
C HIS B 375 4.90 -8.50 0.42
N ILE B 376 5.08 -7.29 1.00
CA ILE B 376 5.08 -6.08 0.17
C ILE B 376 6.08 -6.10 -0.98
N ILE B 377 7.25 -6.64 -0.71
CA ILE B 377 8.29 -6.63 -1.69
C ILE B 377 7.81 -7.39 -2.87
N ARG B 378 7.49 -8.62 -2.60
CA ARG B 378 7.00 -9.55 -3.62
C ARG B 378 5.93 -9.02 -4.55
N ALA B 379 4.88 -8.60 -3.85
CA ALA B 379 3.72 -8.04 -4.48
C ALA B 379 4.20 -7.05 -5.53
N THR B 380 5.24 -6.32 -5.12
CA THR B 380 5.80 -5.34 -5.96
C THR B 380 6.28 -5.90 -7.24
N LEU B 381 7.11 -6.91 -7.11
CA LEU B 381 7.57 -7.60 -8.30
C LEU B 381 6.41 -8.17 -9.11
N GLU B 382 5.51 -8.82 -8.42
CA GLU B 382 4.44 -9.37 -9.12
C GLU B 382 3.79 -8.33 -9.98
N SER B 383 3.63 -7.17 -9.44
CA SER B 383 2.92 -6.16 -10.21
C SER B 383 3.46 -5.97 -11.58
N ILE B 384 4.76 -6.07 -11.62
CA ILE B 384 5.42 -5.94 -12.88
C ILE B 384 4.90 -6.92 -13.92
N ALA B 385 4.60 -8.13 -13.47
CA ALA B 385 4.15 -9.11 -14.41
C ALA B 385 2.72 -8.84 -14.85
N TYR B 386 1.87 -8.48 -13.86
CA TYR B 386 0.48 -8.17 -14.13
C TYR B 386 0.36 -7.22 -15.28
N GLN B 387 1.17 -6.19 -15.08
CA GLN B 387 1.29 -5.13 -16.04
C GLN B 387 1.58 -5.73 -17.40
N THR B 388 2.70 -6.42 -17.46
CA THR B 388 3.06 -7.07 -18.69
C THR B 388 1.93 -7.92 -19.24
N ARG B 389 1.09 -8.56 -18.41
CA ARG B 389 0.05 -9.36 -19.06
C ARG B 389 -1.01 -8.46 -19.67
N ASP B 390 -1.32 -7.47 -18.84
CA ASP B 390 -2.25 -6.46 -19.27
C ASP B 390 -2.13 -6.15 -20.76
N VAL B 391 -0.94 -5.67 -21.08
CA VAL B 391 -0.67 -5.35 -22.44
C VAL B 391 -0.59 -6.58 -23.30
N LEU B 392 0.14 -7.59 -22.89
CA LEU B 392 0.18 -8.70 -23.74
C LEU B 392 -1.15 -8.94 -24.41
N GLU B 393 -2.18 -8.92 -23.57
CA GLU B 393 -3.55 -9.16 -23.99
C GLU B 393 -4.02 -8.22 -25.10
N ALA B 394 -3.77 -6.93 -24.94
CA ALA B 394 -4.13 -6.00 -26.02
C ALA B 394 -3.33 -6.34 -27.27
N MET B 395 -2.01 -6.45 -27.09
CA MET B 395 -1.22 -6.79 -28.16
C MET B 395 -1.96 -7.83 -28.91
N GLN B 396 -2.33 -8.89 -28.19
CA GLN B 396 -3.03 -9.94 -28.94
C GLN B 396 -4.31 -9.42 -29.52
N ALA B 397 -5.00 -8.62 -28.74
CA ALA B 397 -6.26 -8.02 -29.18
C ALA B 397 -6.09 -7.45 -30.57
N ASP B 398 -5.18 -6.50 -30.64
CA ASP B 398 -4.86 -5.89 -31.89
C ASP B 398 -4.16 -6.92 -32.74
N SER B 399 -2.94 -7.17 -32.48
CA SER B 399 -2.25 -8.16 -33.24
C SER B 399 -3.14 -9.25 -33.80
N GLY B 400 -4.04 -9.84 -33.08
CA GLY B 400 -4.73 -10.95 -33.71
C GLY B 400 -3.71 -12.11 -33.88
N ILE B 401 -2.79 -12.21 -32.91
CA ILE B 401 -1.72 -13.17 -32.87
C ILE B 401 -1.45 -13.77 -31.48
N ARG B 402 -1.33 -15.09 -31.36
CA ARG B 402 -1.01 -15.70 -30.08
C ARG B 402 0.46 -15.99 -29.86
N LEU B 403 1.16 -15.11 -29.14
CA LEU B 403 2.54 -15.43 -28.96
C LEU B 403 2.67 -16.62 -28.11
N HIS B 404 3.53 -17.53 -28.53
CA HIS B 404 3.63 -18.70 -27.71
C HIS B 404 4.84 -18.59 -26.86
N ALA B 405 5.66 -17.59 -27.18
CA ALA B 405 6.88 -17.32 -26.48
C ALA B 405 7.16 -15.88 -26.53
N LEU B 406 7.51 -15.38 -25.39
CA LEU B 406 7.86 -13.96 -25.21
C LEU B 406 9.37 -13.80 -25.01
N ARG B 407 10.02 -12.99 -25.80
CA ARG B 407 11.44 -12.89 -25.58
C ARG B 407 11.70 -11.60 -24.80
N VAL B 408 12.42 -11.73 -23.71
CA VAL B 408 12.60 -10.57 -22.91
C VAL B 408 14.00 -10.12 -22.86
N ASP B 409 14.12 -9.01 -22.21
CA ASP B 409 15.39 -8.39 -21.99
C ASP B 409 15.18 -7.24 -21.02
N GLY B 410 16.29 -6.74 -20.48
CA GLY B 410 16.22 -5.69 -19.51
C GLY B 410 16.93 -6.15 -18.20
N GLY B 411 17.37 -5.13 -17.43
CA GLY B 411 18.09 -5.32 -16.19
C GLY B 411 17.43 -6.34 -15.29
N ALA B 412 16.16 -6.16 -15.10
CA ALA B 412 15.57 -7.07 -14.23
C ALA B 412 15.35 -8.40 -14.84
N VAL B 413 15.76 -8.67 -16.06
CA VAL B 413 15.42 -10.03 -16.49
C VAL B 413 16.28 -11.07 -15.75
N ALA B 414 17.13 -10.55 -14.89
CA ALA B 414 17.97 -11.40 -14.07
C ALA B 414 17.19 -12.06 -12.87
N ASN B 415 16.16 -11.34 -12.34
CA ASN B 415 15.29 -11.85 -11.32
C ASN B 415 14.55 -13.09 -11.83
N ASN B 416 15.11 -14.19 -11.48
CA ASN B 416 14.52 -15.44 -11.91
C ASN B 416 13.16 -15.61 -11.36
N PHE B 417 12.97 -15.20 -10.12
CA PHE B 417 11.67 -15.34 -9.51
C PHE B 417 10.68 -14.70 -10.42
N LEU B 418 11.02 -13.44 -10.61
CA LEU B 418 10.32 -12.63 -11.50
C LEU B 418 9.98 -13.37 -12.78
N MET B 419 11.08 -13.72 -13.43
CA MET B 419 10.99 -14.42 -14.66
C MET B 419 9.99 -15.54 -14.61
N GLN B 420 10.17 -16.37 -13.61
CA GLN B 420 9.25 -17.46 -13.59
C GLN B 420 7.88 -17.02 -13.21
N PHE B 421 7.77 -16.06 -12.24
CA PHE B 421 6.39 -15.60 -11.91
C PHE B 421 5.65 -15.21 -13.17
N GLN B 422 6.38 -14.40 -14.01
CA GLN B 422 5.92 -13.87 -15.30
C GLN B 422 5.38 -14.97 -16.16
N SER B 423 6.21 -15.96 -16.44
CA SER B 423 5.77 -17.11 -17.26
C SER B 423 4.49 -17.69 -16.73
N ASP B 424 4.50 -18.00 -15.45
CA ASP B 424 3.39 -18.55 -14.76
C ASP B 424 2.09 -17.76 -15.01
N ILE B 425 2.16 -16.46 -14.79
CA ILE B 425 0.95 -15.64 -14.92
C ILE B 425 0.51 -15.41 -16.40
N LEU B 426 1.42 -15.54 -17.33
CA LEU B 426 1.14 -15.26 -18.72
C LEU B 426 0.52 -16.40 -19.38
N GLY B 427 1.02 -17.56 -18.85
CA GLY B 427 0.77 -18.95 -19.22
C GLY B 427 1.49 -19.14 -20.54
N THR B 428 2.69 -18.63 -20.56
CA THR B 428 3.50 -18.64 -21.76
C THR B 428 4.98 -18.90 -21.54
N ARG B 429 5.61 -19.43 -22.58
CA ARG B 429 6.98 -19.67 -22.39
C ARG B 429 7.73 -18.33 -22.52
N VAL B 430 8.78 -18.24 -21.68
CA VAL B 430 9.61 -17.07 -21.60
C VAL B 430 11.06 -17.33 -21.85
N GLU B 431 11.55 -16.59 -22.81
CA GLU B 431 12.94 -16.67 -23.30
C GLU B 431 13.89 -15.55 -22.97
N ARG B 432 14.84 -15.99 -22.18
CA ARG B 432 15.91 -15.14 -21.77
C ARG B 432 17.19 -15.39 -22.58
N PRO B 433 17.44 -14.42 -23.46
CA PRO B 433 18.64 -14.42 -24.30
C PRO B 433 19.99 -14.63 -23.57
N GLU B 434 20.99 -15.15 -24.31
CA GLU B 434 22.34 -15.33 -23.76
C GLU B 434 22.97 -13.98 -23.45
N VAL B 435 22.97 -13.06 -24.41
CA VAL B 435 23.54 -11.75 -24.19
C VAL B 435 22.52 -10.80 -23.60
N ARG B 436 22.97 -9.74 -22.95
CA ARG B 436 21.97 -8.88 -22.36
C ARG B 436 22.02 -7.45 -22.82
N GLU B 437 23.15 -7.00 -23.28
CA GLU B 437 23.13 -5.63 -23.73
C GLU B 437 22.40 -5.55 -25.08
N VAL B 438 21.24 -6.14 -25.17
CA VAL B 438 20.54 -6.22 -26.40
C VAL B 438 20.32 -4.90 -27.10
N THR B 439 20.06 -3.84 -26.33
CA THR B 439 19.86 -2.56 -26.97
C THR B 439 21.07 -2.23 -27.88
N ALA B 440 22.25 -1.86 -27.27
CA ALA B 440 23.55 -1.51 -27.92
C ALA B 440 23.67 -2.38 -29.14
N LEU B 441 23.41 -3.67 -28.89
CA LEU B 441 23.40 -4.60 -29.96
C LEU B 441 22.81 -3.93 -31.19
N GLY B 442 21.50 -3.64 -31.12
CA GLY B 442 20.78 -2.96 -32.18
C GLY B 442 21.59 -1.78 -32.75
N ALA B 443 21.69 -0.70 -32.05
CA ALA B 443 22.41 0.39 -32.61
C ALA B 443 23.73 0.01 -33.20
N ALA B 444 24.37 -0.96 -32.61
CA ALA B 444 25.62 -1.31 -33.22
C ALA B 444 25.31 -1.99 -34.53
N TYR B 445 24.33 -2.85 -34.59
CA TYR B 445 24.03 -3.47 -35.85
C TYR B 445 23.73 -2.47 -36.90
N LEU B 446 22.64 -1.83 -36.65
CA LEU B 446 22.12 -0.80 -37.44
C LEU B 446 23.29 -0.04 -38.05
N ALA B 447 24.10 0.61 -37.20
CA ALA B 447 25.31 1.38 -37.56
C ALA B 447 26.19 0.70 -38.65
N GLY B 448 26.84 -0.38 -38.25
CA GLY B 448 27.72 -1.11 -39.12
C GLY B 448 27.03 -1.83 -40.27
N LEU B 449 25.72 -1.91 -40.18
CA LEU B 449 24.97 -2.55 -41.24
C LEU B 449 24.88 -1.44 -42.27
N ALA B 450 24.91 -0.27 -41.68
CA ALA B 450 24.89 0.98 -42.39
C ALA B 450 26.25 1.32 -42.89
N VAL B 451 27.16 0.36 -42.91
CA VAL B 451 28.50 0.72 -43.31
C VAL B 451 29.14 -0.48 -43.95
N GLY B 452 28.24 -1.42 -44.18
CA GLY B 452 28.69 -2.62 -44.79
C GLY B 452 29.82 -3.15 -43.96
N PHE B 453 29.57 -3.17 -42.64
CA PHE B 453 30.51 -3.71 -41.67
C PHE B 453 29.93 -5.10 -41.53
N TRP B 454 28.68 -5.12 -41.87
CA TRP B 454 27.89 -6.31 -41.91
C TRP B 454 27.14 -6.20 -43.22
N GLN B 455 26.85 -7.33 -43.82
CA GLN B 455 26.09 -7.45 -45.06
C GLN B 455 24.92 -8.41 -44.73
N ASN B 456 24.29 -8.30 -43.56
CA ASN B 456 23.17 -9.20 -43.18
C ASN B 456 22.91 -9.19 -41.74
N LEU B 457 21.73 -9.64 -41.44
CA LEU B 457 21.38 -9.89 -40.07
C LEU B 457 21.78 -11.33 -39.77
N ASP B 458 21.52 -12.10 -40.74
CA ASP B 458 21.78 -13.51 -40.58
C ASP B 458 23.25 -13.78 -40.18
N GLU B 459 24.12 -12.80 -39.77
CA GLU B 459 25.50 -13.01 -39.31
C GLU B 459 25.57 -13.00 -37.80
N LEU B 460 24.89 -12.01 -37.31
CA LEU B 460 24.77 -11.74 -35.92
C LEU B 460 23.63 -12.55 -35.31
N GLN B 461 22.96 -13.33 -36.17
CA GLN B 461 21.83 -14.20 -35.83
C GLN B 461 22.27 -15.28 -34.89
N GLU B 462 23.54 -15.26 -34.63
CA GLU B 462 24.11 -16.25 -33.79
C GLU B 462 24.23 -15.76 -32.40
N LYS B 463 24.10 -14.45 -32.23
CA LYS B 463 24.16 -13.82 -30.93
C LYS B 463 22.88 -14.10 -30.19
N ALA B 464 21.89 -14.33 -30.99
CA ALA B 464 20.58 -14.69 -30.49
C ALA B 464 20.55 -16.15 -30.07
N VAL B 465 20.95 -16.33 -28.83
CA VAL B 465 20.97 -17.60 -28.23
C VAL B 465 20.22 -17.54 -26.98
N ILE B 466 19.01 -18.05 -26.97
CA ILE B 466 18.34 -17.95 -25.74
C ILE B 466 19.06 -18.74 -24.74
N GLU B 467 19.27 -18.15 -23.59
CA GLU B 467 19.94 -18.78 -22.48
C GLU B 467 18.95 -19.54 -21.57
N ARG B 468 17.84 -18.91 -21.24
CA ARG B 468 16.91 -19.56 -20.34
C ARG B 468 15.45 -19.63 -20.80
N GLU B 469 14.84 -20.83 -20.77
CA GLU B 469 13.42 -20.88 -21.14
C GLU B 469 12.56 -21.19 -19.91
N PHE B 470 11.70 -20.22 -19.61
CA PHE B 470 10.81 -20.37 -18.51
C PHE B 470 9.45 -20.83 -18.96
N ARG B 471 9.12 -22.01 -18.49
CA ARG B 471 7.83 -22.54 -18.80
C ARG B 471 6.92 -22.29 -17.61
N PRO B 472 5.64 -22.09 -17.91
CA PRO B 472 4.60 -21.87 -16.94
C PRO B 472 4.47 -23.06 -16.03
N GLY B 473 4.12 -22.88 -14.75
CA GLY B 473 4.02 -24.05 -13.88
C GLY B 473 2.82 -23.97 -12.96
N ILE B 474 2.00 -22.99 -13.33
CA ILE B 474 0.80 -22.65 -12.59
C ILE B 474 -0.51 -22.95 -13.33
N GLU B 475 -1.51 -23.40 -12.52
CA GLU B 475 -2.79 -23.81 -13.07
C GLU B 475 -3.61 -22.69 -13.57
N THR B 476 -4.16 -22.93 -14.71
CA THR B 476 -4.94 -21.95 -15.32
C THR B 476 -5.85 -21.25 -14.33
N THR B 477 -6.44 -21.98 -13.50
CA THR B 477 -7.29 -21.30 -12.59
C THR B 477 -6.52 -20.30 -11.80
N GLU B 478 -5.55 -20.92 -11.15
CA GLU B 478 -4.57 -20.31 -10.35
C GLU B 478 -4.24 -19.07 -11.04
N ARG B 479 -3.96 -19.25 -12.29
CA ARG B 479 -3.72 -18.10 -13.10
C ARG B 479 -4.79 -17.01 -13.09
N ASN B 480 -5.99 -17.28 -13.56
CA ASN B 480 -6.96 -16.19 -13.60
C ASN B 480 -7.42 -15.66 -12.26
N TYR B 481 -7.31 -16.53 -11.30
CA TYR B 481 -7.62 -16.13 -9.98
C TYR B 481 -6.90 -14.84 -9.70
N ARG B 482 -5.60 -14.98 -9.66
CA ARG B 482 -4.68 -13.87 -9.47
C ARG B 482 -4.95 -12.61 -10.24
N TYR B 483 -5.05 -12.79 -11.52
CA TYR B 483 -5.26 -11.66 -12.42
C TYR B 483 -6.51 -10.86 -12.01
N ALA B 484 -7.56 -11.61 -11.65
CA ALA B 484 -8.78 -10.97 -11.23
C ALA B 484 -8.50 -9.89 -10.14
N GLY B 485 -8.18 -10.33 -8.94
CA GLY B 485 -7.93 -9.35 -7.94
C GLY B 485 -7.10 -8.19 -8.45
N TRP B 486 -6.07 -8.55 -9.21
CA TRP B 486 -5.13 -7.57 -9.81
C TRP B 486 -5.90 -6.43 -10.50
N LYS B 487 -6.92 -6.78 -11.22
CA LYS B 487 -7.60 -5.73 -11.90
C LYS B 487 -8.47 -5.02 -10.90
N LYS B 488 -8.99 -5.86 -10.02
CA LYS B 488 -9.78 -5.30 -8.98
C LYS B 488 -9.05 -4.09 -8.37
N ALA B 489 -7.76 -4.30 -8.25
CA ALA B 489 -6.90 -3.34 -7.65
C ALA B 489 -6.87 -2.09 -8.48
N VAL B 490 -6.38 -2.28 -9.66
CA VAL B 490 -6.20 -1.21 -10.62
C VAL B 490 -7.37 -0.20 -10.65
N LYS B 491 -8.59 -0.79 -10.88
CA LYS B 491 -9.80 -0.02 -10.87
C LYS B 491 -9.77 0.89 -9.73
N ARG B 492 -9.51 0.26 -8.54
CA ARG B 492 -9.49 1.01 -7.29
C ARG B 492 -8.37 2.09 -7.27
N ALA B 493 -7.32 1.92 -8.04
CA ALA B 493 -6.31 2.94 -7.97
C ALA B 493 -6.56 4.03 -8.97
N MET B 494 -7.30 3.72 -10.05
CA MET B 494 -7.58 4.78 -11.07
C MET B 494 -8.37 5.97 -10.61
N ALA B 495 -8.09 7.09 -11.27
CA ALA B 495 -8.77 8.34 -11.00
C ALA B 495 -8.63 8.80 -9.56
N TRP B 496 -7.41 8.81 -9.01
CA TRP B 496 -7.27 9.19 -7.61
C TRP B 496 -7.20 10.69 -7.49
N GLU B 497 -6.38 11.21 -8.38
CA GLU B 497 -6.08 12.61 -8.44
C GLU B 497 -7.29 13.38 -8.83
N GLU B 498 -7.58 14.32 -7.98
CA GLU B 498 -8.70 15.22 -8.15
C GLU B 498 -8.43 16.21 -9.29
N HIS B 499 -9.09 16.14 -10.47
CA HIS B 499 -8.70 17.18 -11.45
C HIS B 499 -9.67 18.35 -11.59
MG MG C . -6.64 -3.52 27.52
AS1 ATS D . -4.19 -4.76 24.79
OG2 ATS D . -4.32 -6.07 23.73
OG3 ATS D . -2.55 -4.70 25.36
OG1 ATS D . -5.26 -4.86 26.03
PA ATS D . -2.72 -0.04 25.67
O5' ATS D . -1.77 1.00 24.90
O11 ATS D . -1.95 -0.99 26.54
O13 ATS D . -3.43 -0.91 24.52
O12 ATS D . -3.65 0.82 26.46
C5' ATS D . -0.88 0.48 23.88
C4' ATS D . -1.32 0.77 22.46
O4' ATS D . -0.92 2.10 22.12
C2' ATS D . 0.51 0.64 20.97
O2' ATS D . 0.64 0.41 19.62
C3' ATS D . -0.66 -0.17 21.51
O3' ATS D . -1.51 -0.65 20.56
C1' ATS D . 0.14 2.08 21.23
N9 ATS D . 1.15 3.09 21.62
C4 ATS D . 1.52 4.19 20.85
N3 ATS D . 1.08 4.50 19.63
C2 ATS D . 1.60 5.61 19.18
N1 ATS D . 2.48 6.41 19.74
C6 ATS D . 2.97 6.11 20.93
N6 ATS D . 3.87 6.98 21.40
C5 ATS D . 2.46 4.92 21.56
N7 ATS D . 2.70 4.27 22.78
C8 ATS D . 1.89 3.22 22.76
PB ATS D . -4.56 -1.93 24.87
OB2 ATS D . -5.94 -1.28 24.79
C3B ATS D . -4.61 -3.21 23.75
OB1 ATS D . -4.35 -2.47 26.29
C1 GOL E . -12.84 -5.43 22.01
O1 GOL E . -14.15 -5.08 21.65
C2 GOL E . -12.39 -4.47 23.12
O2 GOL E . -12.41 -5.05 24.45
C3 GOL E . -10.99 -3.98 22.78
O3 GOL E . -10.09 -3.95 23.94
AS1 ATS F . 18.11 3.71 -17.86
OG2 ATS F . 17.67 3.75 -19.56
OG3 ATS F . 17.71 5.12 -16.96
OG1 ATS F . 19.70 3.31 -17.63
PA ATS F . 18.03 -1.14 -16.85
O5' ATS F . 18.00 -1.75 -15.38
O11 ATS F . 19.24 -0.30 -17.01
O13 ATS F . 16.72 -0.29 -17.13
O12 ATS F . 18.09 -2.26 -17.82
C5' ATS F . 17.72 -0.91 -14.29
C4' ATS F . 16.38 -1.25 -13.66
O4' ATS F . 16.35 -2.63 -13.24
C2' ATS F . 16.21 -1.40 -11.26
O2' ATS F . 15.29 -1.06 -10.27
C3' ATS F . 16.01 -0.44 -12.43
O3' ATS F . 14.68 0.04 -12.50
C1' ATS F . 15.90 -2.75 -11.89
N9 ATS F . 16.54 -3.98 -11.35
C4 ATS F . 16.03 -5.15 -10.85
N3 ATS F . 14.81 -5.42 -10.46
C2 ATS F . 14.72 -6.62 -9.91
N1 ATS F . 15.65 -7.54 -9.72
C6 ATS F . 16.87 -7.22 -10.12
N6 ATS F . 17.83 -8.13 -9.94
C5 ATS F . 17.08 -5.97 -10.71
N7 ATS F . 18.21 -5.41 -11.21
C8 ATS F . 17.82 -4.25 -11.62
PB ATS F . 16.67 1.06 -18.01
OB2 ATS F . 15.21 1.33 -18.50
C3B ATS F . 17.03 2.39 -16.98
OB1 ATS F . 17.63 1.04 -19.24
C1 GOL G . 11.20 6.27 -23.12
O1 GOL G . 9.87 6.12 -23.53
C2 GOL G . 11.86 4.90 -23.07
O2 GOL G . 13.09 4.94 -23.80
C3 GOL G . 12.15 4.53 -21.62
O3 GOL G . 13.59 4.55 -21.40
#